data_6TNM
#
_entry.id   6TNM
#
_cell.length_a   130.384
_cell.length_b   214.113
_cell.length_c   76.520
_cell.angle_alpha   90.000
_cell.angle_beta   90.000
_cell.angle_gamma   90.000
#
_symmetry.space_group_name_H-M   'C 2 2 21'
#
loop_
_entity.id
_entity.type
_entity.pdbx_description
1 polymer 'Fatty acid oxidation complex subunit alpha'
2 non-polymer GLYCEROL
3 non-polymer "ADENOSINE-5'-TRIPHOSPHATE"
4 non-polymer 'NITRATE ION'
5 water water
#
_entity_poly.entity_id   1
_entity_poly.type   'polypeptide(L)'
_entity_poly.pdbx_seq_one_letter_code
;MGSSHHHHHHSQDPMLYKGDTLYLDWLEDGIAELVFDAPGSVNKLDTATVASLGEAIGVLEQQSDLKGLLLRSNKAAFIV
GADITEFLSLFLVPEEQLSQWLHFANSVFNRLEDLPVPTIAAVNGYALGGGCECVLATDYRLATPDLRIGLPETKLGIMP
GFGGSVRMPRMLGADSALEIIAAGKDVGADQALKIGLVDGVVKAEKLVEGAKAVLRQAINGDLDWKAKRQPKLEPLKLSK
IEATMSFTIAKGMVAQTAGKHYPAPITAVKTIEAAARFGREEALNLENKSFVPLAHTNEARALVGIFLNDQYVKGKAKKL
TKDVETPKQAAVLGAGIMGGGIAYQSAWKGVPVVMKDINDKSLTLGMTEAAKLLNKQLERGKIDGLKLAGVISTIHPTLD
YAGFDRVDIVVEAVVENPKVKKAVLAETEQKVRQDTVLASNTSTIPISELANALERPENFCGMHFFNPVHRMPLVEIIRG
EKSSDETIAKVVAWASKMGKTPIVVNDCPGFFVNRVLFPYFAGFSQLLRDGADFRKIDKVMEKQFGWPMGPAYLLDVVGI
DTAHHAQAVMAAGFPQRMQKDYRDAIDALFDANRFGQKNGLGFWRYKEDSKGKPKKEEDAAVEDLLAEVSQPKRDFSEEE
IIARMMIPMVNEVVRCLEEGIIATPAEADMALVYGLGFPPFHGGAFRWLDTLGSAKYLDMAQQYQHLGPLYEVPEGLRNK
ARHNEPYYPPVEPARPVGDLKTA
;
_entity_poly.pdbx_strand_id   A
#
# COMPACT_ATOMS: atom_id res chain seq x y z
N MET A 15 4.41 3.54 43.89
CA MET A 15 3.51 2.77 43.04
C MET A 15 3.86 1.28 43.07
N LEU A 16 2.96 0.45 42.55
CA LEU A 16 3.13 -0.99 42.67
C LEU A 16 4.22 -1.50 41.73
N TYR A 17 4.14 -1.14 40.45
CA TYR A 17 5.10 -1.60 39.46
C TYR A 17 5.40 -0.49 38.47
N LYS A 18 6.68 -0.31 38.15
CA LYS A 18 7.13 0.65 37.17
C LYS A 18 8.02 -0.06 36.17
N GLY A 19 7.63 -0.02 34.88
CA GLY A 19 8.43 -0.55 33.81
C GLY A 19 8.88 0.55 32.87
N ASP A 20 9.60 0.14 31.83
CA ASP A 20 10.08 1.10 30.84
C ASP A 20 8.95 1.65 29.98
N THR A 21 7.91 0.85 29.74
CA THR A 21 6.83 1.27 28.86
C THR A 21 5.48 1.37 29.55
N LEU A 22 5.36 0.99 30.81
CA LEU A 22 4.10 1.08 31.53
C LEU A 22 4.36 1.08 33.03
N TYR A 23 3.41 1.64 33.78
CA TYR A 23 3.50 1.66 35.23
C TYR A 23 2.12 1.36 35.82
N LEU A 24 2.11 1.11 37.13
CA LEU A 24 0.91 0.68 37.84
C LEU A 24 0.90 1.31 39.23
N ASP A 25 -0.23 1.91 39.61
CA ASP A 25 -0.34 2.58 40.90
C ASP A 25 -1.78 2.48 41.41
N TRP A 26 -1.92 2.59 42.74
CA TRP A 26 -3.23 2.71 43.34
C TRP A 26 -3.83 4.07 43.03
N LEU A 27 -5.16 4.15 43.12
CA LEU A 27 -5.84 5.40 42.81
C LEU A 27 -7.19 5.42 43.50
N GLU A 28 -7.65 6.63 43.82
CA GLU A 28 -8.99 6.87 44.33
C GLU A 28 -9.31 6.04 45.57
N ASP A 29 -10.13 5.00 45.40
CA ASP A 29 -10.65 4.18 46.50
C ASP A 29 -10.49 2.71 46.09
N GLY A 30 -9.29 2.17 46.31
CA GLY A 30 -9.04 0.75 46.12
C GLY A 30 -9.11 0.26 44.69
N ILE A 31 -8.98 1.14 43.71
CA ILE A 31 -8.98 0.77 42.30
C ILE A 31 -7.58 1.02 41.74
N ALA A 32 -7.03 0.03 41.07
CA ALA A 32 -5.71 0.17 40.47
C ALA A 32 -5.80 0.87 39.13
N GLU A 33 -4.64 1.28 38.61
CA GLU A 33 -4.56 2.01 37.35
C GLU A 33 -3.30 1.57 36.62
N LEU A 34 -3.48 0.92 35.48
CA LEU A 34 -2.36 0.54 34.61
C LEU A 34 -2.30 1.51 33.44
N VAL A 35 -1.21 2.26 33.37
CA VAL A 35 -1.00 3.28 32.35
C VAL A 35 0.10 2.82 31.40
N PHE A 36 -0.18 2.89 30.11
CA PHE A 36 0.83 2.60 29.09
C PHE A 36 1.54 3.91 28.75
N ASP A 37 2.72 4.10 29.32
CA ASP A 37 3.51 5.32 29.11
C ASP A 37 4.86 4.91 28.56
N ALA A 38 4.90 4.67 27.25
CA ALA A 38 6.13 4.32 26.58
C ALA A 38 7.07 5.52 26.52
N PRO A 39 8.38 5.30 26.37
CA PRO A 39 9.31 6.43 26.27
C PRO A 39 9.18 7.21 24.98
N GLY A 40 8.57 6.64 23.95
CA GLY A 40 8.44 7.27 22.65
C GLY A 40 7.16 8.07 22.49
N SER A 41 6.68 8.10 21.26
CA SER A 41 5.47 8.84 20.93
C SER A 41 4.22 7.97 20.86
N VAL A 42 4.37 6.66 20.63
CA VAL A 42 3.24 5.75 20.54
C VAL A 42 3.57 4.48 21.33
N ASN A 43 2.55 3.91 21.94
CA ASN A 43 2.69 2.71 22.76
C ASN A 43 2.42 1.48 21.90
N LYS A 44 3.29 0.47 22.01
CA LYS A 44 3.16 -0.74 21.22
C LYS A 44 3.42 -1.95 22.10
N LEU A 45 2.71 -3.04 21.79
CA LEU A 45 2.88 -4.30 22.51
C LEU A 45 4.05 -5.08 21.93
N ASP A 46 5.25 -4.54 22.14
CA ASP A 46 6.46 -5.22 21.75
C ASP A 46 6.70 -6.41 22.69
N THR A 47 7.75 -7.18 22.39
CA THR A 47 8.06 -8.36 23.20
C THR A 47 8.35 -7.98 24.65
N ALA A 48 8.95 -6.82 24.88
CA ALA A 48 9.23 -6.38 26.24
C ALA A 48 7.97 -5.91 26.93
N THR A 49 7.08 -5.22 26.21
CA THR A 49 5.87 -4.70 26.82
C THR A 49 4.91 -5.83 27.21
N VAL A 50 4.84 -6.88 26.38
CA VAL A 50 4.05 -8.06 26.75
C VAL A 50 4.62 -8.69 28.02
N ALA A 51 5.94 -8.75 28.12
CA ALA A 51 6.58 -9.23 29.34
C ALA A 51 6.35 -8.27 30.50
N SER A 52 6.56 -6.97 30.26
CA SER A 52 6.34 -5.98 31.29
C SER A 52 4.89 -5.97 31.76
N LEU A 53 3.95 -6.29 30.88
CA LEU A 53 2.56 -6.45 31.28
C LEU A 53 2.38 -7.69 32.14
N GLY A 54 3.11 -8.76 31.82
CA GLY A 54 2.97 -9.99 32.59
C GLY A 54 3.39 -9.82 34.05
N GLU A 55 4.46 -9.04 34.28
CA GLU A 55 4.87 -8.76 35.64
C GLU A 55 3.90 -7.81 36.34
N ALA A 56 3.28 -6.90 35.58
CA ALA A 56 2.33 -5.97 36.18
C ALA A 56 1.05 -6.68 36.60
N ILE A 57 0.53 -7.57 35.76
CA ILE A 57 -0.68 -8.32 36.11
C ILE A 57 -0.41 -9.23 37.30
N GLY A 58 0.78 -9.85 37.34
CA GLY A 58 1.12 -10.72 38.46
C GLY A 58 1.12 -10.00 39.78
N VAL A 59 1.49 -8.72 39.80
CA VAL A 59 1.40 -7.93 41.02
C VAL A 59 -0.06 -7.72 41.41
N LEU A 60 -0.94 -7.54 40.42
CA LEU A 60 -2.36 -7.40 40.69
C LEU A 60 -2.98 -8.68 41.22
N GLU A 61 -2.31 -9.82 41.06
CA GLU A 61 -2.84 -11.10 41.50
C GLU A 61 -2.45 -11.45 42.93
N GLN A 62 -1.70 -10.58 43.61
CA GLN A 62 -1.27 -10.81 44.99
C GLN A 62 -1.59 -9.61 45.87
N GLN A 63 -2.61 -8.85 45.51
CA GLN A 63 -3.09 -7.70 46.28
C GLN A 63 -4.54 -7.99 46.69
N SER A 64 -4.73 -8.34 47.96
CA SER A 64 -6.05 -8.75 48.42
C SER A 64 -7.04 -7.60 48.50
N ASP A 65 -6.56 -6.35 48.53
CA ASP A 65 -7.40 -5.18 48.65
C ASP A 65 -7.89 -4.65 47.30
N LEU A 66 -7.61 -5.37 46.22
CA LEU A 66 -7.97 -4.89 44.89
C LEU A 66 -9.47 -4.98 44.67
N LYS A 67 -10.08 -3.88 44.25
CA LYS A 67 -11.50 -3.84 43.96
C LYS A 67 -11.82 -3.31 42.57
N GLY A 68 -10.86 -2.70 41.86
CA GLY A 68 -11.09 -2.23 40.51
C GLY A 68 -9.79 -2.09 39.77
N LEU A 69 -9.88 -2.19 38.44
CA LEU A 69 -8.72 -2.04 37.57
C LEU A 69 -9.08 -1.17 36.38
N LEU A 70 -8.23 -0.17 36.11
CA LEU A 70 -8.41 0.74 34.99
C LEU A 70 -7.15 0.74 34.14
N LEU A 71 -7.34 0.68 32.82
CA LEU A 71 -6.25 0.68 31.86
C LEU A 71 -6.40 1.88 30.93
N ARG A 72 -5.34 2.68 30.82
CA ARG A 72 -5.39 3.90 30.05
C ARG A 72 -4.02 4.18 29.45
N SER A 73 -3.91 5.28 28.71
CA SER A 73 -2.68 5.67 28.04
C SER A 73 -2.42 7.16 28.22
N ASN A 74 -1.15 7.52 28.42
CA ASN A 74 -0.75 8.91 28.51
C ASN A 74 -0.43 9.53 27.16
N LYS A 75 -0.51 8.76 26.08
CA LYS A 75 -0.18 9.23 24.75
C LYS A 75 -1.45 9.70 24.03
N ALA A 76 -1.25 10.25 22.83
CA ALA A 76 -2.38 10.68 22.01
C ALA A 76 -3.28 9.50 21.66
N ALA A 77 -2.68 8.40 21.23
CA ALA A 77 -3.42 7.17 20.96
C ALA A 77 -3.42 6.30 22.21
N PHE A 78 -3.88 5.06 22.07
CA PHE A 78 -3.82 4.09 23.17
C PHE A 78 -2.62 3.17 22.98
N ILE A 79 -2.83 2.09 22.22
CA ILE A 79 -1.74 1.21 21.80
C ILE A 79 -1.85 1.06 20.29
N VAL A 80 -0.80 1.50 19.58
CA VAL A 80 -0.79 1.43 18.12
C VAL A 80 -0.86 -0.02 17.65
N GLY A 81 -0.38 -0.97 18.45
CA GLY A 81 -0.43 -2.38 18.10
C GLY A 81 0.80 -3.13 18.56
N ALA A 82 1.15 -4.22 17.89
CA ALA A 82 2.43 -4.84 18.16
C ALA A 82 3.53 -4.08 17.42
N ASP A 83 4.77 -4.33 17.80
CA ASP A 83 5.90 -3.65 17.18
C ASP A 83 6.25 -4.35 15.88
N ILE A 84 5.98 -3.68 14.75
CA ILE A 84 6.22 -4.31 13.45
C ILE A 84 7.71 -4.45 13.19
N THR A 85 8.55 -3.58 13.78
CA THR A 85 9.98 -3.71 13.62
C THR A 85 10.50 -5.04 14.16
N GLU A 86 9.76 -5.67 15.07
CA GLU A 86 10.10 -7.01 15.53
C GLU A 86 9.46 -8.11 14.69
N PHE A 87 8.53 -7.77 13.80
CA PHE A 87 7.75 -8.79 13.09
C PHE A 87 8.65 -9.68 12.24
N LEU A 88 9.55 -9.07 11.44
CA LEU A 88 10.41 -9.87 10.57
C LEU A 88 11.31 -10.80 11.39
N SER A 89 11.67 -10.39 12.60
CA SER A 89 12.44 -11.27 13.47
C SER A 89 11.55 -12.34 14.09
N LEU A 90 10.33 -11.96 14.48
CA LEU A 90 9.37 -12.94 15.00
C LEU A 90 9.03 -13.99 13.95
N PHE A 91 8.98 -13.60 12.67
CA PHE A 91 8.70 -14.51 11.58
C PHE A 91 9.79 -15.55 11.38
N LEU A 92 10.98 -15.34 11.94
CA LEU A 92 12.13 -16.22 11.69
C LEU A 92 12.34 -17.27 12.77
N VAL A 93 11.87 -17.04 13.99
CA VAL A 93 12.04 -17.99 15.09
C VAL A 93 11.27 -19.26 14.73
N PRO A 94 11.73 -20.44 15.13
CA PRO A 94 11.06 -21.68 14.73
C PRO A 94 9.61 -21.73 15.19
N GLU A 95 8.82 -22.55 14.49
CA GLU A 95 7.38 -22.54 14.69
C GLU A 95 7.00 -22.96 16.11
N GLU A 96 7.73 -23.92 16.68
CA GLU A 96 7.44 -24.34 18.04
C GLU A 96 7.75 -23.23 19.05
N GLN A 97 8.87 -22.54 18.86
CA GLN A 97 9.23 -21.46 19.78
C GLN A 97 8.25 -20.29 19.67
N LEU A 98 7.86 -19.93 18.44
CA LEU A 98 6.89 -18.86 18.27
C LEU A 98 5.53 -19.26 18.82
N SER A 99 5.16 -20.53 18.66
CA SER A 99 3.89 -21.02 19.20
C SER A 99 3.89 -20.96 20.73
N GLN A 100 4.99 -21.39 21.36
CA GLN A 100 5.05 -21.37 22.82
C GLN A 100 5.02 -19.94 23.34
N TRP A 101 5.72 -19.02 22.68
CA TRP A 101 5.70 -17.63 23.11
C TRP A 101 4.30 -17.04 22.96
N LEU A 102 3.67 -17.26 21.80
CA LEU A 102 2.32 -16.77 21.59
C LEU A 102 1.34 -17.42 22.56
N HIS A 103 1.58 -18.68 22.95
CA HIS A 103 0.73 -19.34 23.92
C HIS A 103 0.84 -18.67 25.29
N PHE A 104 2.04 -18.28 25.69
CA PHE A 104 2.25 -17.63 26.97
C PHE A 104 2.05 -16.12 26.90
N ALA A 105 2.22 -15.51 25.72
CA ALA A 105 1.78 -14.13 25.57
C ALA A 105 0.27 -14.02 25.66
N ASN A 106 -0.45 -15.06 25.22
CA ASN A 106 -1.90 -15.10 25.40
C ASN A 106 -2.26 -15.36 26.86
N SER A 107 -1.44 -16.14 27.57
CA SER A 107 -1.67 -16.35 29.01
C SER A 107 -1.58 -15.04 29.79
N VAL A 108 -0.88 -14.04 29.26
CA VAL A 108 -0.84 -12.73 29.91
C VAL A 108 -2.21 -12.07 29.86
N PHE A 109 -2.78 -11.96 28.65
CA PHE A 109 -4.08 -11.34 28.50
C PHE A 109 -5.18 -12.16 29.18
N ASN A 110 -5.05 -13.49 29.19
CA ASN A 110 -6.00 -14.31 29.92
C ASN A 110 -5.99 -13.98 31.40
N ARG A 111 -4.82 -13.71 31.96
CA ARG A 111 -4.73 -13.30 33.36
C ARG A 111 -5.33 -11.91 33.57
N LEU A 112 -5.23 -11.03 32.57
CA LEU A 112 -5.92 -9.75 32.63
C LEU A 112 -7.44 -9.96 32.63
N GLU A 113 -7.91 -10.87 31.77
CA GLU A 113 -9.35 -11.11 31.66
C GLU A 113 -9.89 -11.87 32.87
N ASP A 114 -9.10 -12.77 33.46
CA ASP A 114 -9.56 -13.62 34.54
C ASP A 114 -9.36 -13.02 35.93
N LEU A 115 -8.95 -11.75 36.01
CA LEU A 115 -8.78 -11.13 37.31
C LEU A 115 -10.12 -11.09 38.05
N PRO A 116 -10.17 -11.49 39.32
CA PRO A 116 -11.44 -11.50 40.06
C PRO A 116 -11.91 -10.10 40.41
N VAL A 117 -12.07 -9.25 39.40
CA VAL A 117 -12.28 -7.82 39.61
C VAL A 117 -12.82 -7.21 38.33
N PRO A 118 -13.77 -6.27 38.41
CA PRO A 118 -14.23 -5.58 37.20
C PRO A 118 -13.11 -4.76 36.57
N THR A 119 -12.88 -4.97 35.28
CA THR A 119 -11.83 -4.29 34.53
C THR A 119 -12.44 -3.41 33.46
N ILE A 120 -11.70 -2.36 33.08
CA ILE A 120 -12.11 -1.51 31.97
C ILE A 120 -10.86 -0.85 31.40
N ALA A 121 -10.89 -0.58 30.09
CA ALA A 121 -9.85 0.18 29.42
C ALA A 121 -10.45 1.46 28.88
N ALA A 122 -9.92 2.59 29.33
CA ALA A 122 -10.31 3.90 28.80
C ALA A 122 -9.52 4.12 27.51
N VAL A 123 -10.16 3.84 26.38
CA VAL A 123 -9.46 3.79 25.10
C VAL A 123 -9.52 5.17 24.44
N ASN A 124 -8.36 5.75 24.18
CA ASN A 124 -8.24 7.05 23.55
C ASN A 124 -7.53 6.91 22.20
N GLY A 125 -8.05 7.62 21.20
CA GLY A 125 -7.38 7.65 19.91
C GLY A 125 -7.35 6.27 19.25
N TYR A 126 -6.18 5.91 18.74
CA TYR A 126 -6.01 4.67 18.01
C TYR A 126 -5.86 3.48 18.96
N ALA A 127 -6.37 2.33 18.52
CA ALA A 127 -6.30 1.08 19.26
C ALA A 127 -6.36 -0.06 18.24
N LEU A 128 -5.27 -0.20 17.49
CA LEU A 128 -5.18 -1.16 16.40
C LEU A 128 -4.33 -2.35 16.79
N GLY A 129 -4.51 -3.46 16.07
CA GLY A 129 -3.68 -4.63 16.27
C GLY A 129 -3.77 -5.16 17.68
N GLY A 130 -2.60 -5.40 18.29
CA GLY A 130 -2.55 -5.85 19.67
C GLY A 130 -3.16 -4.88 20.65
N GLY A 131 -3.27 -3.60 20.28
CA GLY A 131 -3.92 -2.64 21.15
C GLY A 131 -5.39 -2.94 21.36
N CYS A 132 -6.10 -3.29 20.28
CA CYS A 132 -7.50 -3.67 20.43
C CYS A 132 -7.63 -5.02 21.12
N GLU A 133 -6.76 -5.97 20.77
CA GLU A 133 -6.75 -7.26 21.45
C GLU A 133 -6.56 -7.09 22.95
N CYS A 134 -5.83 -6.07 23.36
CA CYS A 134 -5.64 -5.79 24.78
C CYS A 134 -6.94 -5.32 25.42
N VAL A 135 -7.61 -4.34 24.81
CA VAL A 135 -8.83 -3.79 25.40
C VAL A 135 -9.97 -4.80 25.35
N LEU A 136 -9.89 -5.80 24.47
CA LEU A 136 -10.91 -6.85 24.47
C LEU A 136 -10.83 -7.72 25.72
N ALA A 137 -9.63 -7.81 26.33
CA ALA A 137 -9.48 -8.64 27.52
C ALA A 137 -10.25 -8.06 28.71
N THR A 138 -10.29 -6.74 28.82
CA THR A 138 -11.04 -6.11 29.90
C THR A 138 -12.54 -6.30 29.68
N ASP A 139 -13.29 -6.17 30.77
CA ASP A 139 -14.73 -6.43 30.71
C ASP A 139 -15.48 -5.29 30.03
N TYR A 140 -15.07 -4.05 30.26
CA TYR A 140 -15.74 -2.88 29.70
C TYR A 140 -14.73 -2.06 28.90
N ARG A 141 -15.26 -1.25 27.98
CA ARG A 141 -14.44 -0.39 27.15
C ARG A 141 -15.15 0.95 26.96
N LEU A 142 -14.43 2.04 27.20
CA LEU A 142 -14.96 3.40 27.08
C LEU A 142 -14.02 4.18 26.19
N ALA A 143 -14.57 4.78 25.13
CA ALA A 143 -13.75 5.39 24.09
C ALA A 143 -14.03 6.90 23.99
N THR A 144 -13.32 7.53 23.07
CA THR A 144 -13.39 8.96 22.79
C THR A 144 -13.87 9.18 21.37
N PRO A 145 -14.42 10.36 21.06
CA PRO A 145 -14.94 10.59 19.70
C PRO A 145 -13.91 10.46 18.59
N ASP A 146 -12.61 10.58 18.90
CA ASP A 146 -11.57 10.41 17.90
C ASP A 146 -11.02 8.98 17.85
N LEU A 147 -11.81 8.00 18.26
CA LEU A 147 -11.35 6.62 18.35
C LEU A 147 -11.31 5.97 16.97
N ARG A 148 -10.25 5.21 16.73
CA ARG A 148 -10.16 4.30 15.60
C ARG A 148 -9.66 2.95 16.12
N ILE A 149 -10.47 1.91 15.97
CA ILE A 149 -10.21 0.63 16.60
C ILE A 149 -10.47 -0.48 15.58
N GLY A 150 -9.59 -1.48 15.58
CA GLY A 150 -9.73 -2.58 14.64
C GLY A 150 -8.57 -3.54 14.75
N LEU A 151 -8.62 -4.59 13.93
CA LEU A 151 -7.60 -5.63 13.87
C LEU A 151 -7.13 -5.79 12.43
N PRO A 152 -6.17 -4.97 12.00
CA PRO A 152 -5.68 -4.99 10.61
C PRO A 152 -4.50 -5.93 10.39
N GLU A 153 -4.55 -7.12 10.98
CA GLU A 153 -3.42 -8.04 10.93
C GLU A 153 -3.35 -8.81 9.61
N THR A 154 -4.46 -8.99 8.91
CA THR A 154 -4.39 -9.72 7.64
C THR A 154 -3.81 -8.89 6.52
N LYS A 155 -3.84 -7.56 6.64
CA LYS A 155 -3.19 -6.70 5.64
C LYS A 155 -1.67 -6.89 5.63
N LEU A 156 -1.09 -7.36 6.73
CA LEU A 156 0.33 -7.65 6.80
C LEU A 156 0.63 -9.14 6.63
N GLY A 157 -0.37 -9.93 6.24
CA GLY A 157 -0.17 -11.34 5.98
C GLY A 157 -0.38 -12.25 7.17
N ILE A 158 -0.54 -11.70 8.37
CA ILE A 158 -0.73 -12.53 9.56
C ILE A 158 -2.19 -12.48 9.98
N MET A 159 -2.44 -12.72 11.27
CA MET A 159 -3.79 -12.80 11.82
C MET A 159 -3.72 -12.33 13.26
N PRO A 160 -4.86 -11.90 13.83
CA PRO A 160 -4.91 -11.66 15.28
C PRO A 160 -4.25 -12.78 16.07
N GLY A 161 -3.23 -12.45 16.86
CA GLY A 161 -2.49 -13.46 17.58
C GLY A 161 -2.65 -13.40 19.09
N PHE A 162 -3.26 -12.33 19.58
CA PHE A 162 -3.43 -12.16 21.03
C PHE A 162 -4.91 -12.20 21.42
N GLY A 163 -5.61 -13.27 21.03
CA GLY A 163 -7.00 -13.43 21.39
C GLY A 163 -7.98 -12.64 20.56
N GLY A 164 -7.52 -11.93 19.53
CA GLY A 164 -8.43 -11.12 18.73
C GLY A 164 -9.47 -11.95 18.00
N SER A 165 -9.04 -13.08 17.43
CA SER A 165 -9.97 -13.97 16.73
C SER A 165 -10.84 -14.78 17.69
N VAL A 166 -10.66 -14.61 19.00
CA VAL A 166 -11.46 -15.30 20.00
C VAL A 166 -12.42 -14.34 20.70
N ARG A 167 -11.91 -13.20 21.17
CA ARG A 167 -12.75 -12.29 21.95
C ARG A 167 -13.70 -11.50 21.07
N MET A 168 -13.24 -11.02 19.93
CA MET A 168 -14.06 -10.17 19.07
C MET A 168 -15.26 -10.94 18.49
N PRO A 169 -15.09 -12.18 18.01
CA PRO A 169 -16.28 -12.95 17.61
C PRO A 169 -17.27 -13.17 18.74
N ARG A 170 -16.78 -13.42 19.96
CA ARG A 170 -17.64 -13.64 21.11
C ARG A 170 -18.14 -12.35 21.74
N MET A 171 -17.56 -11.20 21.39
CA MET A 171 -17.99 -9.91 21.91
C MET A 171 -18.99 -9.22 20.98
N LEU A 172 -18.70 -9.21 19.67
CA LEU A 172 -19.45 -8.42 18.71
C LEU A 172 -20.49 -9.23 17.94
N GLY A 173 -20.59 -10.52 18.20
CA GLY A 173 -21.35 -11.37 17.30
C GLY A 173 -20.44 -11.81 16.17
N ALA A 174 -20.69 -13.00 15.62
CA ALA A 174 -19.79 -13.57 14.62
C ALA A 174 -19.75 -12.70 13.36
N ASP A 175 -20.91 -12.23 12.90
CA ASP A 175 -20.98 -11.53 11.62
C ASP A 175 -20.07 -10.31 11.58
N SER A 176 -20.18 -9.44 12.59
CA SER A 176 -19.43 -8.19 12.55
C SER A 176 -17.94 -8.42 12.73
N ALA A 177 -17.56 -9.43 13.53
CA ALA A 177 -16.15 -9.68 13.77
C ALA A 177 -15.46 -10.28 12.55
N LEU A 178 -16.18 -11.14 11.81
CA LEU A 178 -15.60 -11.73 10.61
C LEU A 178 -15.26 -10.66 9.58
N GLU A 179 -16.10 -9.62 9.48
CA GLU A 179 -15.86 -8.57 8.49
C GLU A 179 -14.65 -7.73 8.87
N ILE A 180 -14.50 -7.40 10.15
CA ILE A 180 -13.38 -6.57 10.59
C ILE A 180 -12.08 -7.36 10.48
N ILE A 181 -12.07 -8.60 10.96
CA ILE A 181 -10.84 -9.38 11.04
C ILE A 181 -10.35 -9.76 9.65
N ALA A 182 -11.24 -10.30 8.82
CA ALA A 182 -10.82 -10.78 7.50
C ALA A 182 -10.37 -9.63 6.60
N ALA A 183 -11.16 -8.55 6.55
CA ALA A 183 -10.80 -7.39 5.74
C ALA A 183 -9.71 -6.55 6.37
N GLY A 184 -9.38 -6.77 7.64
CA GLY A 184 -8.34 -6.00 8.30
C GLY A 184 -8.66 -4.53 8.40
N LYS A 185 -9.90 -4.19 8.73
CA LYS A 185 -10.35 -2.80 8.79
C LYS A 185 -10.47 -2.33 10.23
N ASP A 186 -10.48 -1.01 10.40
CA ASP A 186 -10.67 -0.37 11.69
C ASP A 186 -11.91 0.51 11.63
N VAL A 187 -12.74 0.44 12.65
CA VAL A 187 -13.99 1.19 12.70
C VAL A 187 -13.79 2.43 13.54
N GLY A 188 -14.72 3.38 13.39
CA GLY A 188 -14.65 4.64 14.09
C GLY A 188 -15.33 4.59 15.45
N ALA A 189 -15.44 5.77 16.06
CA ALA A 189 -16.03 5.85 17.40
C ALA A 189 -17.53 5.55 17.35
N ASP A 190 -18.22 6.00 16.30
CA ASP A 190 -19.65 5.78 16.21
C ASP A 190 -20.00 4.33 15.86
N GLN A 191 -19.22 3.71 14.96
N GLN A 191 -19.21 3.71 14.97
CA GLN A 191 -19.47 2.32 14.60
CA GLN A 191 -19.48 2.33 14.61
C GLN A 191 -19.19 1.38 15.76
C GLN A 191 -19.20 1.39 15.77
N ALA A 192 -18.14 1.66 16.53
CA ALA A 192 -17.75 0.77 17.62
C ALA A 192 -18.83 0.66 18.68
N LEU A 193 -19.45 1.78 19.07
CA LEU A 193 -20.53 1.73 20.05
C LEU A 193 -21.72 0.97 19.49
N LYS A 194 -22.07 1.24 18.23
CA LYS A 194 -23.20 0.56 17.60
C LYS A 194 -22.99 -0.95 17.53
N ILE A 195 -21.75 -1.38 17.28
CA ILE A 195 -21.47 -2.80 17.09
C ILE A 195 -21.33 -3.51 18.44
N GLY A 196 -20.53 -2.96 19.35
CA GLY A 196 -20.31 -3.60 20.62
C GLY A 196 -18.87 -3.56 21.10
N LEU A 197 -17.97 -3.08 20.23
CA LEU A 197 -16.58 -2.88 20.64
C LEU A 197 -16.47 -1.89 21.78
N VAL A 198 -17.37 -0.91 21.85
CA VAL A 198 -17.31 0.17 22.82
C VAL A 198 -18.61 0.18 23.62
N ASP A 199 -18.50 0.35 24.93
CA ASP A 199 -19.65 0.42 25.81
C ASP A 199 -20.16 1.84 26.02
N GLY A 200 -19.37 2.85 25.66
CA GLY A 200 -19.76 4.24 25.79
C GLY A 200 -18.70 5.19 25.28
N VAL A 201 -19.12 6.34 24.76
CA VAL A 201 -18.20 7.32 24.18
C VAL A 201 -18.28 8.60 25.00
N VAL A 202 -17.12 9.06 25.46
CA VAL A 202 -16.99 10.31 26.21
C VAL A 202 -15.74 11.04 25.72
N LYS A 203 -15.71 12.35 25.98
CA LYS A 203 -14.55 13.14 25.62
C LYS A 203 -13.36 12.79 26.50
N ALA A 204 -12.16 13.04 25.98
CA ALA A 204 -10.93 12.62 26.66
C ALA A 204 -10.83 13.19 28.07
N GLU A 205 -11.39 14.37 28.32
CA GLU A 205 -11.40 14.91 29.68
C GLU A 205 -12.23 14.02 30.59
N LYS A 206 -13.47 13.76 30.23
CA LYS A 206 -14.35 12.88 30.98
C LYS A 206 -14.02 11.40 30.79
N LEU A 207 -13.00 11.07 29.99
CA LEU A 207 -12.65 9.68 29.78
C LEU A 207 -12.11 9.05 31.05
N VAL A 208 -11.09 9.67 31.66
CA VAL A 208 -10.45 9.08 32.84
C VAL A 208 -11.43 9.02 34.00
N GLU A 209 -12.23 10.08 34.19
CA GLU A 209 -13.20 10.08 35.28
C GLU A 209 -14.38 9.18 34.97
N GLY A 210 -14.92 9.29 33.75
CA GLY A 210 -16.04 8.46 33.37
C GLY A 210 -15.73 6.98 33.37
N ALA A 211 -14.49 6.61 33.01
CA ALA A 211 -14.09 5.21 33.03
C ALA A 211 -13.95 4.64 34.44
N LYS A 212 -14.00 5.50 35.46
CA LYS A 212 -14.07 5.06 36.85
C LYS A 212 -15.49 5.11 37.40
N ALA A 213 -16.36 5.93 36.82
CA ALA A 213 -17.76 5.92 37.21
C ALA A 213 -18.44 4.62 36.81
N VAL A 214 -18.20 4.17 35.58
CA VAL A 214 -18.70 2.86 35.15
C VAL A 214 -18.09 1.75 35.98
N LEU A 215 -16.85 1.93 36.44
CA LEU A 215 -16.20 0.93 37.29
C LEU A 215 -16.87 0.84 38.64
N ARG A 216 -17.24 1.97 39.24
CA ARG A 216 -17.83 1.91 40.56
C ARG A 216 -19.32 1.60 40.54
N GLN A 217 -19.95 1.57 39.36
CA GLN A 217 -21.24 0.90 39.25
C GLN A 217 -21.07 -0.61 39.37
N ALA A 218 -19.93 -1.13 38.93
CA ALA A 218 -19.72 -2.57 38.92
C ALA A 218 -19.37 -3.09 40.30
N ILE A 219 -18.58 -2.36 41.08
CA ILE A 219 -18.17 -2.83 42.40
C ILE A 219 -19.34 -2.78 43.38
N ASN A 220 -20.25 -1.84 43.22
CA ASN A 220 -21.43 -1.75 44.08
C ASN A 220 -22.54 -2.71 43.68
N GLY A 221 -22.31 -3.56 42.67
CA GLY A 221 -23.27 -4.55 42.27
C GLY A 221 -24.31 -4.09 41.26
N ASP A 222 -24.22 -2.85 40.79
CA ASP A 222 -25.20 -2.38 39.81
C ASP A 222 -25.06 -3.11 38.48
N LEU A 223 -23.83 -3.33 38.04
CA LEU A 223 -23.55 -3.98 36.76
C LEU A 223 -22.95 -5.36 37.01
N ASP A 224 -23.54 -6.38 36.39
CA ASP A 224 -23.07 -7.75 36.52
C ASP A 224 -21.89 -7.93 35.56
N TRP A 225 -20.68 -7.69 36.08
CA TRP A 225 -19.52 -7.61 35.21
C TRP A 225 -19.06 -8.99 34.74
N LYS A 226 -19.13 -10.01 35.60
CA LYS A 226 -18.76 -11.34 35.14
C LYS A 226 -19.83 -11.98 34.27
N ALA A 227 -21.04 -11.39 34.20
CA ALA A 227 -21.99 -11.78 33.17
C ALA A 227 -21.65 -11.14 31.83
N LYS A 228 -21.05 -9.95 31.86
CA LYS A 228 -20.57 -9.32 30.63
C LYS A 228 -19.25 -9.94 30.18
N ARG A 229 -18.43 -10.38 31.13
CA ARG A 229 -17.17 -11.05 30.79
C ARG A 229 -17.42 -12.45 30.25
N GLN A 230 -18.49 -13.10 30.68
CA GLN A 230 -18.68 -14.52 30.39
C GLN A 230 -18.76 -14.87 28.90
N PRO A 231 -19.45 -14.11 28.04
CA PRO A 231 -19.53 -14.53 26.63
C PRO A 231 -18.17 -14.67 25.95
N LYS A 232 -17.15 -13.94 26.40
CA LYS A 232 -15.82 -14.08 25.81
C LYS A 232 -15.13 -15.38 26.20
N LEU A 233 -15.72 -16.16 27.10
CA LEU A 233 -15.13 -17.42 27.54
C LEU A 233 -15.86 -18.63 26.99
N GLU A 234 -17.03 -18.45 26.41
CA GLU A 234 -17.93 -19.54 26.05
C GLU A 234 -18.02 -19.72 24.54
N PRO A 235 -18.53 -20.86 24.08
CA PRO A 235 -18.76 -21.05 22.65
C PRO A 235 -19.69 -19.98 22.06
N LEU A 236 -19.65 -19.88 20.74
CA LEU A 236 -20.51 -18.93 20.03
C LEU A 236 -21.95 -19.41 20.05
N LYS A 237 -22.87 -18.49 20.30
CA LYS A 237 -24.30 -18.80 20.36
C LYS A 237 -24.89 -18.74 18.95
N LEU A 238 -24.51 -19.73 18.14
CA LEU A 238 -24.92 -19.82 16.75
C LEU A 238 -25.46 -21.21 16.47
N SER A 239 -26.59 -21.27 15.76
CA SER A 239 -27.13 -22.54 15.31
C SER A 239 -26.36 -23.04 14.09
N LYS A 240 -26.53 -24.32 13.78
CA LYS A 240 -25.87 -24.89 12.60
C LYS A 240 -26.29 -24.15 11.33
N ILE A 241 -27.57 -23.79 11.24
CA ILE A 241 -28.03 -23.06 10.06
C ILE A 241 -27.45 -21.65 10.03
N GLU A 242 -27.36 -21.01 11.19
CA GLU A 242 -26.77 -19.68 11.26
C GLU A 242 -25.26 -19.72 11.05
N ALA A 243 -24.61 -20.78 11.54
CA ALA A 243 -23.17 -20.91 11.39
C ALA A 243 -22.78 -21.00 9.92
N THR A 244 -23.36 -21.98 9.20
CA THR A 244 -23.04 -22.15 7.79
C THR A 244 -23.38 -20.89 6.99
N MET A 245 -24.49 -20.22 7.34
CA MET A 245 -24.84 -18.98 6.66
C MET A 245 -23.79 -17.91 6.89
N SER A 246 -23.36 -17.75 8.15
CA SER A 246 -22.48 -16.64 8.49
C SER A 246 -21.09 -16.79 7.88
N PHE A 247 -20.60 -18.01 7.73
CA PHE A 247 -19.22 -18.22 7.30
C PHE A 247 -19.06 -18.27 5.79
N THR A 248 -20.11 -18.67 5.05
CA THR A 248 -20.02 -18.61 3.60
C THR A 248 -20.05 -17.17 3.11
N ILE A 249 -20.74 -16.28 3.83
CA ILE A 249 -20.70 -14.86 3.51
C ILE A 249 -19.28 -14.34 3.66
N ALA A 250 -18.59 -14.73 4.73
CA ALA A 250 -17.20 -14.33 4.92
C ALA A 250 -16.29 -15.00 3.90
N LYS A 251 -16.46 -16.32 3.71
CA LYS A 251 -15.66 -17.02 2.71
C LYS A 251 -15.95 -16.52 1.30
N GLY A 252 -17.18 -16.07 1.05
CA GLY A 252 -17.51 -15.52 -0.24
C GLY A 252 -16.99 -14.11 -0.42
N MET A 253 -17.08 -13.30 0.63
CA MET A 253 -16.56 -11.93 0.56
C MET A 253 -15.04 -11.92 0.47
N VAL A 254 -14.38 -12.94 0.98
CA VAL A 254 -12.93 -13.07 0.81
C VAL A 254 -12.60 -13.51 -0.62
N ALA A 255 -13.35 -14.48 -1.15
CA ALA A 255 -13.15 -14.90 -2.53
C ALA A 255 -13.53 -13.80 -3.52
N GLN A 256 -14.25 -12.77 -3.07
CA GLN A 256 -14.52 -11.62 -3.92
C GLN A 256 -13.23 -10.97 -4.40
N THR A 257 -12.19 -10.99 -3.57
CA THR A 257 -10.99 -10.20 -3.82
C THR A 257 -10.03 -10.92 -4.77
N ALA A 258 -10.58 -11.27 -5.93
CA ALA A 258 -9.78 -11.65 -7.11
C ALA A 258 -8.97 -12.92 -6.88
N GLY A 259 -9.62 -13.97 -6.40
CA GLY A 259 -8.99 -15.27 -6.22
C GLY A 259 -7.65 -15.19 -5.54
N LYS A 260 -7.67 -15.01 -4.22
CA LYS A 260 -6.51 -14.51 -3.50
C LYS A 260 -5.33 -15.48 -3.55
N HIS A 261 -4.14 -14.95 -3.84
CA HIS A 261 -2.90 -15.56 -3.41
C HIS A 261 -2.61 -15.24 -1.95
N TYR A 262 -3.48 -14.46 -1.31
CA TYR A 262 -3.30 -14.04 0.07
C TYR A 262 -3.96 -15.07 0.98
N PRO A 263 -3.20 -15.89 1.69
CA PRO A 263 -3.83 -16.92 2.55
C PRO A 263 -4.30 -16.38 3.89
N ALA A 264 -3.92 -15.16 4.27
CA ALA A 264 -4.28 -14.65 5.60
C ALA A 264 -5.78 -14.41 5.75
N PRO A 265 -6.47 -13.72 4.82
CA PRO A 265 -7.91 -13.47 5.06
C PRO A 265 -8.74 -14.74 5.16
N ILE A 266 -8.47 -15.72 4.28
CA ILE A 266 -9.25 -16.96 4.34
C ILE A 266 -8.84 -17.80 5.53
N THR A 267 -7.58 -17.72 5.96
CA THR A 267 -7.16 -18.44 7.15
C THR A 267 -7.84 -17.88 8.40
N ALA A 268 -7.85 -16.55 8.53
CA ALA A 268 -8.48 -15.92 9.69
C ALA A 268 -9.96 -16.29 9.79
N VAL A 269 -10.63 -16.43 8.64
CA VAL A 269 -12.04 -16.80 8.65
C VAL A 269 -12.21 -18.28 9.02
N LYS A 270 -11.39 -19.15 8.43
CA LYS A 270 -11.60 -20.58 8.62
C LYS A 270 -11.26 -21.03 10.03
N THR A 271 -10.37 -20.32 10.72
CA THR A 271 -10.08 -20.70 12.11
C THR A 271 -11.20 -20.29 13.04
N ILE A 272 -11.72 -19.07 12.89
CA ILE A 272 -12.88 -18.65 13.66
C ILE A 272 -14.05 -19.60 13.42
N GLU A 273 -14.17 -20.14 12.21
CA GLU A 273 -15.20 -21.14 11.95
C GLU A 273 -14.91 -22.43 12.69
N ALA A 274 -13.66 -22.91 12.61
CA ALA A 274 -13.29 -24.14 13.30
C ALA A 274 -13.31 -23.96 14.81
N ALA A 275 -13.00 -22.76 15.30
CA ALA A 275 -12.95 -22.49 16.73
C ALA A 275 -14.30 -22.06 17.30
N ALA A 276 -15.37 -22.13 16.51
CA ALA A 276 -16.70 -21.92 17.05
C ALA A 276 -17.15 -23.17 17.81
N ARG A 277 -18.12 -22.98 18.71
CA ARG A 277 -18.59 -24.01 19.61
C ARG A 277 -17.48 -24.56 20.50
N PHE A 278 -16.44 -23.76 20.73
CA PHE A 278 -15.33 -24.11 21.59
C PHE A 278 -15.14 -23.03 22.66
N GLY A 279 -14.51 -23.41 23.76
CA GLY A 279 -14.20 -22.47 24.82
C GLY A 279 -13.04 -21.57 24.43
N ARG A 280 -12.57 -20.81 25.42
CA ARG A 280 -11.49 -19.87 25.16
C ARG A 280 -10.15 -20.59 24.97
N GLU A 281 -9.95 -21.73 25.64
CA GLU A 281 -8.67 -22.43 25.55
C GLU A 281 -8.45 -23.00 24.15
N GLU A 282 -9.44 -23.71 23.62
CA GLU A 282 -9.28 -24.32 22.31
C GLU A 282 -9.39 -23.30 21.18
N ALA A 283 -10.19 -22.24 21.37
CA ALA A 283 -10.26 -21.19 20.37
C ALA A 283 -8.93 -20.45 20.24
N LEU A 284 -8.30 -20.14 21.37
CA LEU A 284 -6.94 -19.59 21.35
C LEU A 284 -5.97 -20.59 20.77
N ASN A 285 -6.17 -21.87 21.05
CA ASN A 285 -5.28 -22.92 20.52
C ASN A 285 -5.37 -22.99 19.00
N LEU A 286 -6.59 -22.90 18.45
CA LEU A 286 -6.73 -22.94 17.00
C LEU A 286 -6.28 -21.63 16.36
N GLU A 287 -6.38 -20.52 17.08
CA GLU A 287 -5.78 -19.28 16.60
C GLU A 287 -4.26 -19.36 16.61
N ASN A 288 -3.69 -19.93 17.68
CA ASN A 288 -2.24 -20.06 17.79
C ASN A 288 -1.70 -20.96 16.69
N LYS A 289 -2.32 -22.13 16.50
CA LYS A 289 -1.82 -23.10 15.53
C LYS A 289 -1.94 -22.62 14.09
N SER A 290 -2.66 -21.53 13.85
CA SER A 290 -2.76 -20.95 12.52
C SER A 290 -2.03 -19.62 12.37
N PHE A 291 -1.79 -18.90 13.47
CA PHE A 291 -1.00 -17.68 13.39
C PHE A 291 0.44 -18.00 13.01
N VAL A 292 1.02 -19.03 13.60
CA VAL A 292 2.44 -19.33 13.38
C VAL A 292 2.71 -19.70 11.92
N PRO A 293 1.97 -20.61 11.29
CA PRO A 293 2.22 -20.88 9.86
C PRO A 293 2.01 -19.65 8.99
N LEU A 294 1.02 -18.81 9.32
CA LEU A 294 0.84 -17.56 8.59
C LEU A 294 2.05 -16.64 8.73
N ALA A 295 2.61 -16.56 9.95
CA ALA A 295 3.77 -15.71 10.19
C ALA A 295 5.00 -16.18 9.45
N HIS A 296 5.02 -17.42 8.95
CA HIS A 296 6.16 -17.94 8.20
C HIS A 296 5.97 -17.87 6.69
N THR A 297 4.78 -17.52 6.21
CA THR A 297 4.56 -17.45 4.77
C THR A 297 5.41 -16.35 4.16
N ASN A 298 5.87 -16.59 2.93
CA ASN A 298 6.62 -15.57 2.20
C ASN A 298 5.76 -14.33 1.97
N GLU A 299 4.45 -14.50 1.87
CA GLU A 299 3.56 -13.35 1.71
C GLU A 299 3.57 -12.47 2.95
N ALA A 300 3.57 -13.07 4.15
CA ALA A 300 3.58 -12.30 5.37
C ALA A 300 4.87 -11.48 5.49
N ARG A 301 6.00 -12.06 5.07
CA ARG A 301 7.25 -11.31 5.05
C ARG A 301 7.19 -10.16 4.05
N ALA A 302 6.62 -10.41 2.86
CA ALA A 302 6.57 -9.38 1.84
C ALA A 302 5.63 -8.26 2.23
N LEU A 303 4.50 -8.59 2.85
CA LEU A 303 3.54 -7.56 3.24
C LEU A 303 4.08 -6.72 4.40
N VAL A 304 4.80 -7.34 5.33
CA VAL A 304 5.42 -6.58 6.41
C VAL A 304 6.60 -5.77 5.89
N GLY A 305 7.37 -6.35 4.95
CA GLY A 305 8.45 -5.61 4.33
C GLY A 305 7.98 -4.37 3.58
N ILE A 306 6.78 -4.43 2.99
CA ILE A 306 6.23 -3.27 2.32
C ILE A 306 5.92 -2.16 3.31
N PHE A 307 5.41 -2.52 4.49
CA PHE A 307 5.08 -1.52 5.51
C PHE A 307 6.35 -0.81 5.98
N LEU A 308 7.40 -1.57 6.26
CA LEU A 308 8.65 -0.96 6.72
C LEU A 308 9.30 -0.15 5.61
N ASN A 309 9.27 -0.66 4.38
CA ASN A 309 9.79 0.10 3.24
C ASN A 309 8.96 1.36 3.00
N ASP A 310 7.65 1.28 3.24
CA ASP A 310 6.81 2.48 3.12
C ASP A 310 7.17 3.50 4.18
N GLN A 311 7.41 3.04 5.42
CA GLN A 311 7.79 3.95 6.50
C GLN A 311 9.20 4.49 6.31
N TYR A 312 10.05 3.78 5.54
CA TYR A 312 11.37 4.30 5.22
C TYR A 312 11.32 5.29 4.07
N VAL A 313 10.49 5.02 3.06
CA VAL A 313 10.36 5.95 1.94
C VAL A 313 9.78 7.28 2.41
N LYS A 314 8.68 7.23 3.18
CA LYS A 314 8.12 8.47 3.72
C LYS A 314 8.99 9.07 4.81
N GLY A 315 9.84 8.27 5.45
CA GLY A 315 10.80 8.83 6.38
C GLY A 315 11.89 9.62 5.67
N LYS A 316 12.44 9.05 4.60
CA LYS A 316 13.40 9.78 3.78
C LYS A 316 12.78 11.02 3.16
N ALA A 317 11.46 11.06 3.01
CA ALA A 317 10.80 12.23 2.47
C ALA A 317 10.90 13.42 3.43
N LYS A 318 10.64 13.18 4.72
CA LYS A 318 10.69 14.25 5.69
C LYS A 318 12.10 14.80 5.86
N LYS A 319 13.13 13.98 5.58
CA LYS A 319 14.50 14.44 5.74
C LYS A 319 14.90 15.40 4.61
N LEU A 320 14.57 15.05 3.37
CA LEU A 320 14.88 15.93 2.25
C LEU A 320 14.09 17.24 2.34
N THR A 321 12.85 17.16 2.83
CA THR A 321 11.95 18.30 2.94
C THR A 321 11.93 18.90 4.34
N LYS A 322 13.00 18.73 5.12
CA LYS A 322 12.98 19.16 6.52
C LYS A 322 13.10 20.67 6.68
N ASP A 323 13.81 21.35 5.79
CA ASP A 323 14.00 22.80 5.91
C ASP A 323 13.62 23.52 4.62
N VAL A 324 12.65 22.98 3.88
CA VAL A 324 12.14 23.61 2.67
C VAL A 324 10.63 23.81 2.84
N GLU A 325 10.18 25.05 2.68
CA GLU A 325 8.77 25.36 2.79
C GLU A 325 7.99 24.77 1.63
N THR A 326 6.79 24.28 1.92
CA THR A 326 5.95 23.71 0.88
C THR A 326 5.45 24.81 -0.05
N PRO A 327 5.27 24.49 -1.34
CA PRO A 327 4.74 25.51 -2.27
C PRO A 327 3.28 25.80 -1.98
N LYS A 328 2.90 27.07 -2.10
CA LYS A 328 1.55 27.50 -1.82
C LYS A 328 0.67 27.49 -3.07
N GLN A 329 1.16 28.02 -4.18
CA GLN A 329 0.43 28.06 -5.44
C GLN A 329 1.13 27.18 -6.46
N ALA A 330 0.35 26.35 -7.15
CA ALA A 330 0.88 25.42 -8.13
C ALA A 330 0.16 25.62 -9.46
N ALA A 331 0.59 24.86 -10.47
CA ALA A 331 0.03 24.96 -11.80
C ALA A 331 0.34 23.67 -12.56
N VAL A 332 -0.50 23.35 -13.54
CA VAL A 332 -0.28 22.22 -14.43
C VAL A 332 -0.47 22.69 -15.86
N LEU A 333 0.36 22.18 -16.76
CA LEU A 333 0.31 22.49 -18.17
C LEU A 333 0.02 21.19 -18.92
N GLY A 334 -1.19 21.06 -19.44
CA GLY A 334 -1.66 19.79 -19.95
C GLY A 334 -2.84 19.31 -19.13
N ALA A 335 -4.04 19.79 -19.46
CA ALA A 335 -5.19 19.60 -18.60
C ALA A 335 -6.26 18.72 -19.23
N GLY A 336 -5.90 17.49 -19.59
CA GLY A 336 -6.87 16.52 -20.03
C GLY A 336 -7.42 15.73 -18.86
N ILE A 337 -7.44 14.40 -18.99
CA ILE A 337 -7.80 13.56 -17.84
C ILE A 337 -6.68 13.60 -16.80
N MET A 338 -5.43 13.50 -17.25
CA MET A 338 -4.31 13.56 -16.32
C MET A 338 -4.20 14.94 -15.68
N GLY A 339 -4.47 15.99 -16.45
CA GLY A 339 -4.44 17.34 -15.88
C GLY A 339 -5.50 17.55 -14.81
N GLY A 340 -6.70 16.99 -15.02
CA GLY A 340 -7.73 17.09 -14.01
C GLY A 340 -7.36 16.35 -12.73
N GLY A 341 -6.70 15.20 -12.88
CA GLY A 341 -6.25 14.46 -11.71
C GLY A 341 -5.17 15.18 -10.94
N ILE A 342 -4.21 15.77 -11.66
CA ILE A 342 -3.16 16.54 -10.99
C ILE A 342 -3.74 17.81 -10.38
N ALA A 343 -4.71 18.43 -11.05
CA ALA A 343 -5.33 19.62 -10.51
C ALA A 343 -6.21 19.30 -9.30
N TYR A 344 -6.96 18.20 -9.37
CA TYR A 344 -7.78 17.79 -8.24
C TYR A 344 -6.91 17.45 -7.04
N GLN A 345 -5.95 16.55 -7.21
CA GLN A 345 -5.18 16.04 -6.08
C GLN A 345 -4.42 17.15 -5.35
N SER A 346 -4.01 18.19 -6.07
CA SER A 346 -3.30 19.30 -5.43
C SER A 346 -4.28 20.21 -4.69
N ALA A 347 -5.39 20.56 -5.35
CA ALA A 347 -6.37 21.46 -4.73
C ALA A 347 -7.12 20.76 -3.61
N TRP A 348 -7.40 19.47 -3.76
CA TRP A 348 -8.15 18.72 -2.75
C TRP A 348 -7.41 18.66 -1.43
N LYS A 349 -6.09 18.87 -1.42
CA LYS A 349 -5.32 18.80 -0.19
C LYS A 349 -4.78 20.16 0.25
N GLY A 350 -5.31 21.25 -0.30
CA GLY A 350 -5.06 22.58 0.23
C GLY A 350 -4.16 23.49 -0.58
N VAL A 351 -3.61 23.02 -1.68
CA VAL A 351 -2.71 23.83 -2.51
C VAL A 351 -3.44 24.17 -3.80
N PRO A 352 -3.67 25.45 -4.08
CA PRO A 352 -4.33 25.84 -5.34
C PRO A 352 -3.57 25.35 -6.56
N VAL A 353 -4.22 25.48 -7.72
CA VAL A 353 -3.67 25.02 -8.99
C VAL A 353 -4.07 26.01 -10.08
N VAL A 354 -3.28 26.01 -11.15
CA VAL A 354 -3.53 26.84 -12.33
C VAL A 354 -3.37 25.92 -13.54
N MET A 355 -4.49 25.44 -14.08
CA MET A 355 -4.44 24.48 -15.18
C MET A 355 -4.69 25.20 -16.49
N LYS A 356 -3.80 24.99 -17.44
CA LYS A 356 -3.89 25.67 -18.73
C LYS A 356 -3.60 24.70 -19.85
N ASP A 357 -4.41 24.75 -20.90
CA ASP A 357 -4.14 23.97 -22.09
C ASP A 357 -3.96 24.91 -23.28
N ILE A 358 -4.50 24.52 -24.44
CA ILE A 358 -4.52 25.36 -25.63
C ILE A 358 -5.92 25.52 -26.22
N ASN A 359 -6.88 24.61 -25.94
CA ASN A 359 -8.27 24.76 -26.35
C ASN A 359 -9.16 24.68 -25.11
N ASP A 360 -10.40 25.17 -25.24
CA ASP A 360 -11.33 25.10 -24.12
C ASP A 360 -11.97 23.73 -23.96
N LYS A 361 -12.03 22.93 -25.02
CA LYS A 361 -12.65 21.62 -24.93
C LYS A 361 -11.86 20.68 -24.01
N SER A 362 -10.55 20.90 -23.88
CA SER A 362 -9.78 20.15 -22.89
C SER A 362 -9.92 20.77 -21.51
N LEU A 363 -10.10 22.09 -21.42
CA LEU A 363 -10.27 22.72 -20.13
C LEU A 363 -11.57 22.32 -19.46
N THR A 364 -12.66 22.23 -20.23
CA THR A 364 -13.90 21.70 -19.67
C THR A 364 -13.73 20.23 -19.30
N LEU A 365 -13.16 19.44 -20.22
CA LEU A 365 -12.92 18.03 -19.94
C LEU A 365 -12.01 17.83 -18.74
N GLY A 366 -11.09 18.76 -18.50
CA GLY A 366 -10.25 18.68 -17.32
C GLY A 366 -10.99 19.08 -16.06
N MET A 367 -11.67 20.23 -16.09
CA MET A 367 -12.48 20.65 -14.94
C MET A 367 -13.60 19.65 -14.68
N THR A 368 -14.13 19.03 -15.73
CA THR A 368 -15.12 17.97 -15.56
C THR A 368 -14.56 16.83 -14.74
N GLU A 369 -13.47 16.22 -15.24
CA GLU A 369 -12.83 15.11 -14.52
C GLU A 369 -12.42 15.50 -13.12
N ALA A 370 -11.92 16.73 -12.95
CA ALA A 370 -11.51 17.18 -11.62
C ALA A 370 -12.69 17.26 -10.66
N ALA A 371 -13.90 17.53 -11.18
CA ALA A 371 -15.08 17.58 -10.34
C ALA A 371 -15.66 16.20 -10.07
N LYS A 372 -15.43 15.24 -10.97
CA LYS A 372 -15.89 13.87 -10.73
C LYS A 372 -15.16 13.25 -9.56
N LEU A 373 -13.85 13.50 -9.45
CA LEU A 373 -13.07 12.98 -8.34
C LEU A 373 -13.55 13.58 -7.02
N LEU A 374 -13.90 14.86 -7.02
CA LEU A 374 -14.49 15.47 -5.83
C LEU A 374 -15.90 14.94 -5.57
N ASN A 375 -16.62 14.59 -6.63
CA ASN A 375 -17.96 14.03 -6.47
C ASN A 375 -17.92 12.69 -5.76
N LYS A 376 -16.87 11.90 -6.00
CA LYS A 376 -16.72 10.64 -5.29
C LYS A 376 -16.50 10.87 -3.79
N GLN A 377 -15.76 11.92 -3.42
CA GLN A 377 -15.63 12.26 -2.00
C GLN A 377 -16.98 12.67 -1.42
N LEU A 378 -17.85 13.26 -2.24
CA LEU A 378 -19.21 13.58 -1.83
C LEU A 378 -20.07 12.33 -1.69
N GLU A 379 -19.73 11.24 -2.39
CA GLU A 379 -20.55 10.03 -2.34
C GLU A 379 -20.61 9.46 -0.93
N ARG A 380 -19.46 9.15 -0.34
CA ARG A 380 -19.40 8.77 1.06
C ARG A 380 -18.09 9.25 1.65
N GLY A 381 -18.06 9.39 2.97
CA GLY A 381 -17.03 10.20 3.58
C GLY A 381 -17.24 11.61 3.08
N LYS A 382 -18.49 12.06 3.16
CA LYS A 382 -18.95 13.24 2.43
C LYS A 382 -18.13 14.48 2.77
N ILE A 383 -17.65 15.16 1.74
CA ILE A 383 -17.22 16.55 1.88
C ILE A 383 -18.43 17.42 1.58
N ASP A 384 -18.60 18.48 2.37
CA ASP A 384 -19.73 19.38 2.20
C ASP A 384 -19.79 19.89 0.78
N GLY A 385 -20.92 19.64 0.10
CA GLY A 385 -21.10 20.15 -1.25
C GLY A 385 -20.94 21.66 -1.33
N LEU A 386 -21.30 22.36 -0.27
CA LEU A 386 -20.99 23.79 -0.17
C LEU A 386 -19.49 24.02 -0.07
N LYS A 387 -18.81 23.18 0.72
CA LYS A 387 -17.36 23.25 0.83
C LYS A 387 -16.64 22.48 -0.26
N LEU A 388 -17.35 21.65 -1.04
CA LEU A 388 -16.76 21.07 -2.23
C LEU A 388 -16.52 22.13 -3.29
N ALA A 389 -17.41 23.13 -3.37
CA ALA A 389 -17.22 24.22 -4.31
C ALA A 389 -16.03 25.10 -3.93
N GLY A 390 -15.62 25.07 -2.66
CA GLY A 390 -14.47 25.83 -2.23
C GLY A 390 -13.12 25.31 -2.68
N VAL A 391 -13.07 24.25 -3.48
CA VAL A 391 -11.80 23.70 -3.95
C VAL A 391 -11.80 23.56 -5.47
N ILE A 392 -12.98 23.37 -6.08
CA ILE A 392 -13.05 23.48 -7.53
C ILE A 392 -12.94 24.94 -7.96
N SER A 393 -13.41 25.86 -7.11
CA SER A 393 -13.17 27.27 -7.35
C SER A 393 -11.70 27.62 -7.22
N THR A 394 -10.93 26.78 -6.52
CA THR A 394 -9.49 26.93 -6.43
C THR A 394 -8.78 26.47 -7.69
N ILE A 395 -9.48 25.79 -8.59
CA ILE A 395 -8.94 25.36 -9.88
C ILE A 395 -9.40 26.36 -10.94
N HIS A 396 -8.46 26.98 -11.62
CA HIS A 396 -8.79 28.03 -12.57
C HIS A 396 -8.43 27.61 -13.99
N PRO A 397 -9.40 27.39 -14.88
CA PRO A 397 -9.09 27.02 -16.26
C PRO A 397 -8.80 28.25 -17.10
N THR A 398 -7.52 28.44 -17.45
CA THR A 398 -7.09 29.60 -18.21
C THR A 398 -6.58 29.17 -19.58
N LEU A 399 -6.81 30.02 -20.57
CA LEU A 399 -6.29 29.83 -21.91
C LEU A 399 -5.05 30.67 -22.19
N ASP A 400 -4.89 31.78 -21.48
CA ASP A 400 -3.67 32.57 -21.54
C ASP A 400 -2.78 32.19 -20.35
N TYR A 401 -1.85 33.07 -19.99
CA TYR A 401 -0.95 32.83 -18.85
C TYR A 401 -1.36 33.65 -17.65
N ALA A 402 -2.63 33.58 -17.27
CA ALA A 402 -3.13 34.34 -16.13
C ALA A 402 -2.67 33.71 -14.82
N GLY A 403 -2.21 34.55 -13.90
CA GLY A 403 -1.80 34.12 -12.58
C GLY A 403 -0.47 33.41 -12.52
N PHE A 404 0.23 33.23 -13.64
CA PHE A 404 1.52 32.57 -13.62
C PHE A 404 2.57 33.37 -12.88
N ASP A 405 2.35 34.68 -12.69
CA ASP A 405 3.27 35.48 -11.88
C ASP A 405 3.25 35.05 -10.42
N ARG A 406 2.13 34.53 -9.94
CA ARG A 406 1.93 34.21 -8.53
C ARG A 406 1.86 32.71 -8.28
N VAL A 407 2.66 31.92 -8.98
CA VAL A 407 2.75 30.49 -8.74
C VAL A 407 4.17 30.16 -8.29
N ASP A 408 4.29 29.08 -7.50
CA ASP A 408 5.58 28.68 -6.96
C ASP A 408 6.15 27.43 -7.60
N ILE A 409 5.34 26.66 -8.32
CA ILE A 409 5.83 25.47 -9.01
C ILE A 409 4.77 25.07 -10.03
N VAL A 410 5.19 24.39 -11.09
CA VAL A 410 4.29 24.01 -12.18
C VAL A 410 4.81 22.73 -12.83
N VAL A 411 3.88 21.84 -13.17
CA VAL A 411 4.19 20.59 -13.85
C VAL A 411 3.75 20.70 -15.31
N GLU A 412 4.49 20.01 -16.18
CA GLU A 412 4.16 19.93 -17.60
C GLU A 412 3.65 18.52 -17.89
N ALA A 413 2.36 18.41 -18.21
CA ALA A 413 1.76 17.13 -18.55
C ALA A 413 1.29 17.12 -19.99
N VAL A 414 2.18 17.50 -20.91
CA VAL A 414 1.81 17.72 -22.31
C VAL A 414 2.15 16.46 -23.12
N VAL A 415 1.95 16.54 -24.45
CA VAL A 415 2.21 15.44 -25.37
C VAL A 415 3.58 14.82 -25.17
N GLU A 416 3.71 13.54 -25.44
CA GLU A 416 5.01 12.86 -25.45
C GLU A 416 5.68 13.16 -26.79
N ASN A 417 6.31 14.33 -26.85
CA ASN A 417 6.99 14.82 -28.04
C ASN A 417 8.06 15.81 -27.60
N PRO A 418 9.35 15.51 -27.81
CA PRO A 418 10.40 16.36 -27.24
C PRO A 418 10.40 17.78 -27.78
N LYS A 419 9.96 17.99 -29.02
CA LYS A 419 9.98 19.33 -29.58
C LYS A 419 8.95 20.22 -28.92
N VAL A 420 7.75 19.70 -28.65
CA VAL A 420 6.72 20.49 -28.00
C VAL A 420 7.07 20.73 -26.53
N LYS A 421 7.62 19.71 -25.86
CA LYS A 421 7.97 19.85 -24.45
C LYS A 421 9.03 20.94 -24.26
N LYS A 422 10.10 20.89 -25.05
CA LYS A 422 11.15 21.90 -24.93
C LYS A 422 10.62 23.29 -25.26
N ALA A 423 9.71 23.39 -26.23
CA ALA A 423 9.19 24.69 -26.63
C ALA A 423 8.30 25.29 -25.55
N VAL A 424 7.34 24.52 -25.05
CA VAL A 424 6.40 25.03 -24.06
C VAL A 424 7.02 25.17 -22.68
N LEU A 425 8.18 24.55 -22.44
CA LEU A 425 8.89 24.75 -21.18
C LEU A 425 9.67 26.05 -21.17
N ALA A 426 10.32 26.38 -22.29
CA ALA A 426 11.08 27.63 -22.36
C ALA A 426 10.17 28.85 -22.31
N GLU A 427 8.93 28.72 -22.80
CA GLU A 427 8.02 29.85 -22.81
C GLU A 427 7.45 30.13 -21.42
N THR A 428 6.82 29.11 -20.81
CA THR A 428 6.26 29.29 -19.48
C THR A 428 7.32 29.64 -18.45
N GLU A 429 8.60 29.36 -18.75
CA GLU A 429 9.68 29.85 -17.91
C GLU A 429 9.76 31.38 -17.93
N GLN A 430 9.43 31.99 -19.08
CA GLN A 430 9.53 33.44 -19.20
C GLN A 430 8.36 34.14 -18.53
N LYS A 431 7.22 33.48 -18.41
CA LYS A 431 6.02 34.04 -17.79
C LYS A 431 5.99 33.79 -16.29
N VAL A 432 7.14 33.53 -15.67
CA VAL A 432 7.20 32.99 -14.32
C VAL A 432 8.50 33.46 -13.70
N ARG A 433 8.46 33.74 -12.39
CA ARG A 433 9.61 34.32 -11.69
C ARG A 433 10.82 33.39 -11.74
N GLN A 434 11.95 33.91 -11.26
CA GLN A 434 13.21 33.18 -11.33
C GLN A 434 13.25 32.03 -10.34
N ASP A 435 12.96 32.31 -9.06
CA ASP A 435 13.04 31.26 -8.04
C ASP A 435 11.93 30.22 -8.15
N THR A 436 10.98 30.40 -9.06
CA THR A 436 9.91 29.43 -9.23
C THR A 436 10.46 28.18 -9.93
N VAL A 437 9.89 27.03 -9.57
CA VAL A 437 10.39 25.72 -9.98
C VAL A 437 9.52 25.16 -11.09
N LEU A 438 10.15 24.51 -12.07
CA LEU A 438 9.44 23.84 -13.15
C LEU A 438 9.63 22.33 -13.04
N ALA A 439 8.61 21.58 -13.44
CA ALA A 439 8.62 20.14 -13.40
C ALA A 439 8.07 19.57 -14.69
N SER A 440 8.41 18.31 -14.97
CA SER A 440 8.04 17.66 -16.22
C SER A 440 7.46 16.28 -15.92
N ASN A 441 6.33 15.97 -16.54
CA ASN A 441 5.71 14.65 -16.47
C ASN A 441 6.04 13.83 -17.72
N THR A 442 7.26 13.94 -18.23
CA THR A 442 7.66 13.16 -19.39
C THR A 442 7.68 11.68 -19.05
N SER A 443 7.06 10.86 -19.90
CA SER A 443 7.00 9.43 -19.61
C SER A 443 8.33 8.75 -19.87
N THR A 444 9.13 9.29 -20.79
CA THR A 444 10.39 8.64 -21.18
C THR A 444 11.54 9.60 -21.47
N ILE A 445 11.28 10.82 -21.92
CA ILE A 445 12.38 11.72 -22.33
C ILE A 445 13.23 12.05 -21.11
N PRO A 446 14.56 11.90 -21.17
CA PRO A 446 15.39 12.21 -20.00
C PRO A 446 15.31 13.68 -19.61
N ILE A 447 15.48 13.93 -18.31
CA ILE A 447 15.33 15.29 -17.79
C ILE A 447 16.52 16.15 -18.19
N SER A 448 17.71 15.57 -18.25
CA SER A 448 18.90 16.35 -18.60
C SER A 448 18.83 16.87 -20.03
N GLU A 449 18.10 16.17 -20.91
CA GLU A 449 17.92 16.67 -22.27
C GLU A 449 17.01 17.88 -22.31
N LEU A 450 15.87 17.80 -21.62
CA LEU A 450 14.96 18.94 -21.54
C LEU A 450 15.59 20.11 -20.79
N ALA A 451 16.62 19.86 -19.98
CA ALA A 451 17.26 20.93 -19.22
C ALA A 451 18.01 21.91 -20.11
N ASN A 452 18.42 21.49 -21.31
CA ASN A 452 19.17 22.34 -22.20
C ASN A 452 18.30 23.41 -22.87
N ALA A 453 16.99 23.31 -22.79
CA ALA A 453 16.08 24.28 -23.39
C ALA A 453 15.57 25.30 -22.38
N LEU A 454 16.19 25.40 -21.21
CA LEU A 454 15.78 26.33 -20.19
C LEU A 454 16.93 27.24 -19.80
N GLU A 455 16.61 28.46 -19.39
CA GLU A 455 17.64 29.40 -18.97
C GLU A 455 18.14 29.10 -17.57
N ARG A 456 17.24 28.68 -16.67
CA ARG A 456 17.61 28.34 -15.30
C ARG A 456 17.31 26.86 -15.06
N PRO A 457 18.24 25.97 -15.44
CA PRO A 457 18.00 24.53 -15.24
C PRO A 457 18.07 24.09 -13.79
N GLU A 458 18.62 24.92 -12.90
CA GLU A 458 18.71 24.57 -11.49
C GLU A 458 17.35 24.46 -10.82
N ASN A 459 16.29 24.98 -11.44
CA ASN A 459 14.95 24.91 -10.91
C ASN A 459 14.04 24.00 -11.75
N PHE A 460 14.62 22.99 -12.38
CA PHE A 460 13.88 22.06 -13.22
C PHE A 460 14.27 20.63 -12.90
N CYS A 461 13.26 19.77 -12.79
CA CYS A 461 13.48 18.34 -12.56
C CYS A 461 12.24 17.60 -13.07
N GLY A 462 12.25 16.29 -12.89
CA GLY A 462 11.17 15.44 -13.36
C GLY A 462 10.20 15.10 -12.24
N MET A 463 8.91 15.38 -12.49
CA MET A 463 7.82 15.02 -11.60
C MET A 463 6.86 14.14 -12.40
N HIS A 464 6.90 12.83 -12.14
CA HIS A 464 6.32 11.82 -13.03
C HIS A 464 5.19 11.10 -12.29
N PHE A 465 3.96 11.37 -12.70
CA PHE A 465 2.80 10.66 -12.17
C PHE A 465 2.59 9.35 -12.94
N PHE A 466 1.56 8.60 -12.56
CA PHE A 466 1.27 7.32 -13.19
C PHE A 466 -0.23 7.12 -13.28
N ASN A 467 -0.73 6.81 -14.48
CA ASN A 467 -2.15 6.57 -14.66
C ASN A 467 -2.54 5.21 -14.10
N PRO A 468 -3.67 5.12 -13.36
CA PRO A 468 -4.51 6.26 -12.97
C PRO A 468 -3.87 7.10 -11.88
N VAL A 469 -3.86 8.42 -12.05
CA VAL A 469 -3.11 9.30 -11.17
C VAL A 469 -3.65 9.23 -9.74
N HIS A 470 -4.97 9.23 -9.58
CA HIS A 470 -5.52 9.25 -8.23
C HIS A 470 -5.38 7.91 -7.53
N ARG A 471 -5.28 6.81 -8.28
CA ARG A 471 -5.18 5.48 -7.69
C ARG A 471 -3.74 5.03 -7.47
N MET A 472 -2.84 5.33 -8.41
CA MET A 472 -1.43 4.98 -8.26
C MET A 472 -0.72 6.08 -7.48
N PRO A 473 -0.20 5.80 -6.29
CA PRO A 473 0.31 6.86 -5.41
C PRO A 473 1.78 7.22 -5.59
N LEU A 474 2.51 6.54 -6.47
CA LEU A 474 3.92 6.84 -6.66
C LEU A 474 4.10 8.07 -7.54
N VAL A 475 4.99 8.96 -7.12
CA VAL A 475 5.40 10.11 -7.91
C VAL A 475 6.90 9.95 -8.15
N GLU A 476 7.25 9.37 -9.29
CA GLU A 476 8.65 9.22 -9.66
C GLU A 476 9.26 10.59 -9.90
N ILE A 477 10.27 10.94 -9.10
CA ILE A 477 10.91 12.25 -9.15
C ILE A 477 12.33 12.07 -9.65
N ILE A 478 12.64 12.68 -10.78
CA ILE A 478 13.89 12.49 -11.48
C ILE A 478 14.75 13.74 -11.34
N ARG A 479 16.06 13.54 -11.17
CA ARG A 479 17.01 14.64 -10.95
C ARG A 479 17.88 14.79 -12.17
N GLY A 480 17.83 15.97 -12.79
CA GLY A 480 18.69 16.27 -13.92
C GLY A 480 20.13 16.50 -13.49
N GLU A 481 20.98 16.73 -14.49
CA GLU A 481 22.40 16.94 -14.23
C GLU A 481 22.64 18.20 -13.40
N LYS A 482 21.86 19.24 -13.62
CA LYS A 482 22.00 20.49 -12.88
C LYS A 482 20.81 20.77 -11.97
N SER A 483 19.92 19.79 -11.79
CA SER A 483 18.85 19.93 -10.81
C SER A 483 19.45 20.02 -9.42
N SER A 484 19.31 21.18 -8.78
CA SER A 484 19.89 21.39 -7.47
C SER A 484 19.16 20.54 -6.42
N ASP A 485 19.59 20.68 -5.17
CA ASP A 485 18.95 19.96 -4.07
C ASP A 485 17.74 20.69 -3.51
N GLU A 486 17.73 22.02 -3.60
CA GLU A 486 16.60 22.79 -3.09
C GLU A 486 15.36 22.59 -3.96
N THR A 487 15.54 22.52 -5.28
CA THR A 487 14.39 22.37 -6.17
C THR A 487 13.68 21.05 -5.94
N ILE A 488 14.42 19.97 -5.70
CA ILE A 488 13.81 18.66 -5.52
C ILE A 488 13.05 18.60 -4.21
N ALA A 489 13.61 19.20 -3.15
CA ALA A 489 12.90 19.25 -1.88
C ALA A 489 11.54 19.94 -2.03
N LYS A 490 11.47 20.95 -2.89
CA LYS A 490 10.18 21.59 -3.17
C LYS A 490 9.25 20.64 -3.92
N VAL A 491 9.80 19.86 -4.84
CA VAL A 491 8.99 18.89 -5.58
C VAL A 491 8.54 17.76 -4.66
N VAL A 492 9.45 17.26 -3.83
CA VAL A 492 9.08 16.22 -2.87
C VAL A 492 8.10 16.77 -1.83
N ALA A 493 8.23 18.03 -1.46
CA ALA A 493 7.32 18.61 -0.48
C ALA A 493 5.89 18.68 -1.03
N TRP A 494 5.74 19.16 -2.27
CA TRP A 494 4.42 19.24 -2.87
C TRP A 494 3.84 17.85 -3.12
N ALA A 495 4.68 16.91 -3.59
CA ALA A 495 4.20 15.55 -3.82
C ALA A 495 3.69 14.91 -2.54
N SER A 496 4.36 15.18 -1.41
CA SER A 496 3.90 14.61 -0.15
C SER A 496 2.60 15.25 0.31
N LYS A 497 2.45 16.57 0.13
CA LYS A 497 1.26 17.23 0.61
C LYS A 497 0.02 16.78 -0.14
N MET A 498 0.20 16.32 -1.38
CA MET A 498 -0.91 15.83 -2.19
C MET A 498 -1.39 14.46 -1.77
N GLY A 499 -0.84 13.87 -0.71
CA GLY A 499 -1.20 12.52 -0.34
C GLY A 499 -0.56 11.47 -1.20
N LYS A 500 0.59 11.77 -1.77
CA LYS A 500 1.30 10.87 -2.67
C LYS A 500 2.60 10.41 -2.01
N THR A 501 2.99 9.17 -2.33
CA THR A 501 4.24 8.60 -1.83
C THR A 501 5.34 8.83 -2.85
N PRO A 502 6.27 9.76 -2.60
CA PRO A 502 7.26 10.10 -3.63
C PRO A 502 8.55 9.29 -3.51
N ILE A 503 9.28 9.27 -4.64
CA ILE A 503 10.55 8.57 -4.75
C ILE A 503 11.45 9.37 -5.68
N VAL A 504 12.73 9.51 -5.30
CA VAL A 504 13.70 10.29 -6.04
C VAL A 504 14.66 9.34 -6.76
N VAL A 505 14.85 9.58 -8.06
CA VAL A 505 15.76 8.78 -8.88
C VAL A 505 16.64 9.73 -9.69
N ASN A 506 17.75 9.19 -10.19
CA ASN A 506 18.64 9.94 -11.05
C ASN A 506 18.21 9.81 -12.51
N ASP A 507 18.70 10.73 -13.34
CA ASP A 507 18.19 10.88 -14.69
C ASP A 507 18.75 9.82 -15.63
N CYS A 508 17.89 9.32 -16.52
CA CYS A 508 18.20 8.40 -17.60
C CYS A 508 16.94 8.21 -18.44
N PRO A 509 17.05 7.81 -19.70
CA PRO A 509 15.85 7.56 -20.50
C PRO A 509 15.01 6.45 -19.89
N GLY A 510 13.75 6.79 -19.57
CA GLY A 510 12.85 5.87 -18.91
C GLY A 510 12.84 5.95 -17.41
N PHE A 511 13.84 6.62 -16.80
CA PHE A 511 13.95 6.80 -15.36
C PHE A 511 14.05 5.42 -14.73
N PHE A 512 13.16 5.04 -13.81
CA PHE A 512 13.17 3.69 -13.23
C PHE A 512 11.91 2.92 -13.56
N VAL A 513 10.74 3.47 -13.28
CA VAL A 513 9.49 2.72 -13.40
C VAL A 513 9.22 2.35 -14.86
N ASN A 514 9.20 3.36 -15.75
CA ASN A 514 8.98 3.07 -17.16
C ASN A 514 10.19 2.44 -17.82
N ARG A 515 11.38 2.56 -17.23
CA ARG A 515 12.56 1.94 -17.81
C ARG A 515 12.56 0.43 -17.59
N VAL A 516 12.23 -0.02 -16.38
CA VAL A 516 12.25 -1.45 -16.09
C VAL A 516 11.03 -2.17 -16.64
N LEU A 517 9.96 -1.44 -16.99
CA LEU A 517 8.76 -2.05 -17.55
C LEU A 517 8.94 -2.42 -19.01
N PHE A 518 9.83 -1.74 -19.73
CA PHE A 518 9.97 -2.03 -21.15
C PHE A 518 10.59 -3.41 -21.41
N PRO A 519 11.66 -3.83 -20.73
CA PRO A 519 12.12 -5.22 -20.92
C PRO A 519 11.05 -6.24 -20.60
N TYR A 520 10.13 -5.92 -19.68
CA TYR A 520 8.96 -6.77 -19.46
C TYR A 520 8.11 -6.87 -20.71
N PHE A 521 7.97 -5.76 -21.45
CA PHE A 521 7.26 -5.79 -22.72
C PHE A 521 8.10 -6.46 -23.81
N ALA A 522 9.42 -6.25 -23.79
CA ALA A 522 10.27 -6.85 -24.81
C ALA A 522 10.24 -8.38 -24.72
N GLY A 523 10.27 -8.91 -23.50
CA GLY A 523 10.14 -10.35 -23.33
C GLY A 523 8.78 -10.87 -23.78
N PHE A 524 7.76 -10.01 -23.71
CA PHE A 524 6.45 -10.38 -24.22
C PHE A 524 6.47 -10.49 -25.75
N SER A 525 7.07 -9.51 -26.42
CA SER A 525 7.22 -9.59 -27.87
C SER A 525 8.11 -10.76 -28.26
N GLN A 526 9.11 -11.07 -27.45
CA GLN A 526 9.99 -12.20 -27.76
C GLN A 526 9.30 -13.53 -27.54
N LEU A 527 8.35 -13.59 -26.61
CA LEU A 527 7.54 -14.80 -26.43
C LEU A 527 6.60 -15.01 -27.61
N LEU A 528 5.92 -13.95 -28.06
CA LEU A 528 5.04 -14.08 -29.22
C LEU A 528 5.82 -14.46 -30.47
N ARG A 529 7.04 -13.94 -30.61
CA ARG A 529 7.87 -14.29 -31.76
C ARG A 529 8.20 -15.77 -31.76
N ASP A 530 8.45 -16.34 -30.58
CA ASP A 530 8.75 -17.77 -30.45
C ASP A 530 7.51 -18.64 -30.57
N GLY A 531 6.34 -18.06 -30.84
CA GLY A 531 5.14 -18.82 -31.07
C GLY A 531 4.20 -18.95 -29.89
N ALA A 532 4.28 -18.06 -28.91
CA ALA A 532 3.42 -18.16 -27.74
C ALA A 532 2.06 -17.52 -28.03
N ASP A 533 1.11 -17.77 -27.13
CA ASP A 533 -0.24 -17.23 -27.23
C ASP A 533 -0.37 -16.06 -26.24
N PHE A 534 -0.60 -14.87 -26.77
CA PHE A 534 -0.70 -13.69 -25.92
C PHE A 534 -1.88 -13.77 -24.97
N ARG A 535 -2.92 -14.55 -25.31
CA ARG A 535 -4.08 -14.66 -24.44
C ARG A 535 -3.78 -15.50 -23.22
N LYS A 536 -2.97 -16.56 -23.39
CA LYS A 536 -2.54 -17.37 -22.26
C LYS A 536 -1.44 -16.69 -21.46
N ILE A 537 -0.55 -15.96 -22.14
CA ILE A 537 0.48 -15.20 -21.43
C ILE A 537 -0.17 -14.22 -20.45
N ASP A 538 -1.22 -13.52 -20.88
CA ASP A 538 -1.94 -12.64 -19.98
C ASP A 538 -2.62 -13.42 -18.86
N LYS A 539 -3.06 -14.65 -19.14
CA LYS A 539 -3.65 -15.48 -18.10
C LYS A 539 -2.63 -15.83 -17.03
N VAL A 540 -1.40 -16.17 -17.43
CA VAL A 540 -0.39 -16.62 -16.47
C VAL A 540 0.09 -15.45 -15.62
N MET A 541 0.25 -14.27 -16.23
CA MET A 541 0.76 -13.13 -15.49
C MET A 541 -0.29 -12.50 -14.58
N GLU A 542 -1.57 -12.73 -14.83
CA GLU A 542 -2.63 -12.17 -14.00
C GLU A 542 -3.10 -13.17 -12.95
N LYS A 543 -3.33 -14.41 -13.34
CA LYS A 543 -3.93 -15.38 -12.44
C LYS A 543 -2.91 -16.07 -11.54
N GLN A 544 -1.64 -16.11 -11.95
CA GLN A 544 -0.61 -16.82 -11.20
C GLN A 544 0.40 -15.88 -10.56
N PHE A 545 0.99 -14.96 -11.32
CA PHE A 545 1.97 -14.05 -10.72
C PHE A 545 1.29 -12.94 -9.92
N GLY A 546 0.07 -12.57 -10.28
CA GLY A 546 -0.70 -11.61 -9.52
C GLY A 546 -0.74 -10.21 -10.06
N TRP A 547 -0.28 -9.98 -11.28
CA TRP A 547 -0.38 -8.64 -11.87
C TRP A 547 -1.85 -8.25 -12.01
N PRO A 548 -2.19 -6.98 -11.79
CA PRO A 548 -3.57 -6.54 -12.08
C PRO A 548 -3.93 -6.67 -13.55
N MET A 549 -2.96 -6.48 -14.45
CA MET A 549 -3.18 -6.60 -15.89
C MET A 549 -1.97 -7.25 -16.52
N GLY A 550 -2.20 -8.17 -17.45
CA GLY A 550 -1.14 -8.83 -18.14
C GLY A 550 -0.49 -7.92 -19.16
N PRO A 551 0.56 -8.42 -19.82
CA PRO A 551 1.28 -7.57 -20.79
C PRO A 551 0.42 -7.10 -21.94
N ALA A 552 -0.29 -8.00 -22.62
CA ALA A 552 -1.05 -7.63 -23.81
C ALA A 552 -2.18 -6.66 -23.46
N TYR A 553 -2.97 -6.99 -22.44
CA TYR A 553 -4.07 -6.11 -22.04
C TYR A 553 -3.56 -4.75 -21.62
N LEU A 554 -2.52 -4.72 -20.78
CA LEU A 554 -1.92 -3.45 -20.36
C LEU A 554 -1.41 -2.66 -21.55
N LEU A 555 -0.81 -3.35 -22.53
CA LEU A 555 -0.31 -2.66 -23.71
C LEU A 555 -1.41 -1.96 -24.49
N ASP A 556 -2.65 -2.47 -24.40
CA ASP A 556 -3.75 -1.82 -25.09
C ASP A 556 -4.22 -0.56 -24.38
N VAL A 557 -4.10 -0.50 -23.06
CA VAL A 557 -4.49 0.71 -22.34
C VAL A 557 -3.38 1.76 -22.32
N VAL A 558 -2.12 1.33 -22.49
CA VAL A 558 -1.07 2.32 -22.70
C VAL A 558 -1.15 2.87 -24.12
N GLY A 559 -1.62 2.06 -25.07
CA GLY A 559 -1.65 2.44 -26.47
C GLY A 559 -0.60 1.69 -27.25
N ILE A 560 -1.01 1.01 -28.32
CA ILE A 560 -0.07 0.23 -29.11
C ILE A 560 0.96 1.14 -29.77
N ASP A 561 0.56 2.37 -30.10
CA ASP A 561 1.50 3.32 -30.67
C ASP A 561 2.34 4.01 -29.61
N THR A 562 1.76 4.28 -28.43
CA THR A 562 2.56 4.80 -27.32
C THR A 562 3.65 3.81 -26.94
N ALA A 563 3.32 2.53 -26.88
CA ALA A 563 4.33 1.50 -26.66
C ALA A 563 5.29 1.42 -27.85
N HIS A 564 4.76 1.58 -29.08
CA HIS A 564 5.63 1.54 -30.26
C HIS A 564 6.60 2.70 -30.26
N HIS A 565 6.14 3.89 -29.86
CA HIS A 565 7.04 5.04 -29.79
C HIS A 565 7.98 4.92 -28.60
N ALA A 566 7.47 4.47 -27.45
CA ALA A 566 8.33 4.33 -26.28
C ALA A 566 9.39 3.25 -26.48
N GLN A 567 9.10 2.24 -27.30
CA GLN A 567 10.12 1.24 -27.59
C GLN A 567 11.23 1.78 -28.47
N ALA A 568 10.96 2.84 -29.22
CA ALA A 568 12.00 3.47 -30.04
C ALA A 568 12.88 4.39 -29.20
N VAL A 569 12.26 5.12 -28.26
CA VAL A 569 13.04 6.01 -27.39
C VAL A 569 13.98 5.20 -26.52
N MET A 570 13.50 4.09 -25.95
CA MET A 570 14.34 3.25 -25.10
C MET A 570 15.42 2.52 -25.89
N ALA A 571 15.27 2.38 -27.21
CA ALA A 571 16.28 1.71 -28.01
C ALA A 571 17.44 2.62 -28.35
N ALA A 572 17.17 3.91 -28.57
CA ALA A 572 18.24 4.87 -28.81
C ALA A 572 18.98 5.25 -27.55
N GLY A 573 18.36 5.04 -26.38
CA GLY A 573 19.00 5.33 -25.11
C GLY A 573 19.84 4.17 -24.62
N PHE A 574 19.40 2.96 -24.92
CA PHE A 574 20.12 1.74 -24.55
C PHE A 574 20.24 0.84 -25.78
N PRO A 575 21.03 1.25 -26.78
CA PRO A 575 21.28 0.35 -27.92
C PRO A 575 22.09 -0.86 -27.53
N GLN A 576 22.75 -0.81 -26.38
CA GLN A 576 23.56 -1.92 -25.89
C GLN A 576 22.75 -3.21 -25.82
N ARG A 577 21.53 -3.14 -25.29
CA ARG A 577 20.75 -4.35 -25.08
C ARG A 577 19.24 -4.15 -25.24
N MET A 578 18.75 -2.96 -25.57
CA MET A 578 17.32 -2.72 -25.70
C MET A 578 16.89 -2.48 -27.14
N GLN A 579 17.65 -2.97 -28.11
CA GLN A 579 17.27 -2.89 -29.51
C GLN A 579 16.96 -4.29 -30.02
N LYS A 580 15.85 -4.41 -30.73
CA LYS A 580 15.43 -5.69 -31.28
C LYS A 580 15.88 -5.82 -32.74
N ASP A 581 16.01 -7.07 -33.18
CA ASP A 581 16.39 -7.39 -34.55
C ASP A 581 15.22 -7.72 -35.46
N TYR A 582 14.15 -8.28 -34.90
CA TYR A 582 13.01 -8.76 -35.66
C TYR A 582 11.89 -7.73 -35.67
N ARG A 583 10.75 -8.12 -36.22
CA ARG A 583 9.53 -7.31 -36.21
C ARG A 583 8.49 -8.05 -35.36
N ASP A 584 7.95 -7.37 -34.35
CA ASP A 584 7.18 -8.01 -33.30
C ASP A 584 5.69 -7.67 -33.42
N ALA A 585 4.94 -8.03 -32.37
CA ALA A 585 3.51 -7.76 -32.34
C ALA A 585 3.24 -6.27 -32.24
N ILE A 586 4.08 -5.54 -31.52
CA ILE A 586 3.88 -4.10 -31.38
C ILE A 586 3.98 -3.41 -32.73
N ASP A 587 4.90 -3.87 -33.59
CA ASP A 587 5.01 -3.30 -34.93
C ASP A 587 3.84 -3.71 -35.80
N ALA A 588 3.50 -5.01 -35.80
CA ALA A 588 2.44 -5.50 -36.68
C ALA A 588 1.09 -4.92 -36.29
N LEU A 589 0.81 -4.81 -34.99
CA LEU A 589 -0.45 -4.21 -34.56
C LEU A 589 -0.48 -2.72 -34.85
N PHE A 590 0.67 -2.04 -34.70
CA PHE A 590 0.72 -0.60 -34.93
C PHE A 590 0.42 -0.28 -36.40
N ASP A 591 0.95 -1.08 -37.32
CA ASP A 591 0.78 -0.80 -38.74
C ASP A 591 -0.64 -1.03 -39.23
N ALA A 592 -1.41 -1.88 -38.54
CA ALA A 592 -2.81 -2.09 -38.88
C ALA A 592 -3.72 -1.03 -38.27
N ASN A 593 -3.15 0.03 -37.71
CA ASN A 593 -3.91 1.12 -37.07
C ASN A 593 -4.73 0.62 -35.90
N ARG A 594 -4.27 -0.46 -35.25
CA ARG A 594 -4.87 -0.95 -34.02
C ARG A 594 -4.05 -0.41 -32.86
N PHE A 595 -4.60 0.58 -32.15
CA PHE A 595 -3.85 1.30 -31.11
C PHE A 595 -4.30 0.95 -29.70
N GLY A 596 -5.06 -0.12 -29.52
CA GLY A 596 -5.49 -0.53 -28.19
C GLY A 596 -6.88 -0.04 -27.83
N GLN A 597 -7.12 0.20 -26.53
CA GLN A 597 -8.39 0.75 -26.09
C GLN A 597 -8.61 2.16 -26.63
N LYS A 598 -7.56 2.80 -27.13
CA LYS A 598 -7.63 4.18 -27.60
C LYS A 598 -8.69 4.34 -28.67
N ASN A 599 -8.60 3.55 -29.74
CA ASN A 599 -9.59 3.56 -30.82
C ASN A 599 -10.41 2.28 -30.86
N GLY A 600 -10.41 1.51 -29.77
CA GLY A 600 -11.20 0.30 -29.68
C GLY A 600 -10.62 -0.93 -30.35
N LEU A 601 -9.51 -0.79 -31.07
CA LEU A 601 -8.89 -1.90 -31.78
C LEU A 601 -7.45 -2.06 -31.27
N GLY A 602 -7.13 -3.24 -30.76
CA GLY A 602 -5.79 -3.54 -30.29
C GLY A 602 -5.49 -5.02 -30.29
N PHE A 603 -4.86 -5.54 -29.23
CA PHE A 603 -4.73 -6.98 -29.09
C PHE A 603 -6.10 -7.65 -29.00
N TRP A 604 -7.04 -6.98 -28.36
CA TRP A 604 -8.45 -7.34 -28.35
C TRP A 604 -9.24 -6.30 -29.12
N ARG A 605 -10.57 -6.44 -29.08
CA ARG A 605 -11.49 -5.43 -29.55
C ARG A 605 -12.31 -4.95 -28.37
N TYR A 606 -12.44 -3.64 -28.23
CA TYR A 606 -13.01 -3.04 -27.02
C TYR A 606 -14.37 -2.41 -27.36
N LYS A 607 -15.43 -3.17 -27.15
CA LYS A 607 -16.78 -2.66 -27.29
C LYS A 607 -17.18 -1.89 -26.03
N GLU A 608 -18.00 -0.87 -26.22
CA GLU A 608 -18.56 -0.14 -25.08
C GLU A 608 -19.61 -1.01 -24.38
N ASP A 609 -19.45 -1.19 -23.07
CA ASP A 609 -20.46 -1.93 -22.33
C ASP A 609 -21.60 -0.98 -21.97
N SER A 610 -22.58 -1.49 -21.20
CA SER A 610 -23.78 -0.72 -20.92
C SER A 610 -23.46 0.58 -20.19
N LYS A 611 -22.61 0.52 -19.15
CA LYS A 611 -22.29 1.73 -18.41
C LYS A 611 -21.26 2.57 -19.13
N GLY A 612 -20.43 1.97 -19.98
CA GLY A 612 -19.40 2.70 -20.70
C GLY A 612 -18.00 2.20 -20.43
N LYS A 613 -17.85 1.10 -19.70
CA LYS A 613 -16.54 0.53 -19.42
C LYS A 613 -16.19 -0.41 -20.57
N PRO A 614 -15.20 -0.08 -21.41
CA PRO A 614 -14.92 -0.93 -22.57
C PRO A 614 -14.48 -2.33 -22.14
N LYS A 615 -15.13 -3.33 -22.71
CA LYS A 615 -14.80 -4.72 -22.43
C LYS A 615 -13.98 -5.29 -23.58
N LYS A 616 -13.02 -6.13 -23.25
CA LYS A 616 -12.15 -6.72 -24.27
C LYS A 616 -12.84 -7.94 -24.88
N GLU A 617 -13.01 -7.94 -26.20
CA GLU A 617 -13.54 -9.09 -26.91
C GLU A 617 -12.61 -9.46 -28.05
N GLU A 618 -12.58 -10.74 -28.38
CA GLU A 618 -11.58 -11.26 -29.30
C GLU A 618 -11.85 -10.78 -30.72
N ASP A 619 -10.78 -10.51 -31.46
CA ASP A 619 -10.84 -10.19 -32.87
C ASP A 619 -10.28 -11.36 -33.67
N ALA A 620 -10.79 -11.54 -34.89
CA ALA A 620 -10.32 -12.60 -35.75
C ALA A 620 -9.09 -12.19 -36.56
N ALA A 621 -8.99 -10.91 -36.93
CA ALA A 621 -7.86 -10.43 -37.71
C ALA A 621 -6.60 -10.24 -36.87
N VAL A 622 -6.67 -10.42 -35.56
CA VAL A 622 -5.47 -10.23 -34.74
C VAL A 622 -4.60 -11.48 -34.77
N GLU A 623 -5.21 -12.67 -34.87
CA GLU A 623 -4.42 -13.90 -34.94
C GLU A 623 -3.70 -14.01 -36.28
N ASP A 624 -4.41 -13.77 -37.38
CA ASP A 624 -3.79 -13.82 -38.69
C ASP A 624 -2.75 -12.72 -38.86
N LEU A 625 -2.91 -11.61 -38.14
CA LEU A 625 -1.91 -10.54 -38.19
C LEU A 625 -0.67 -10.89 -37.38
N LEU A 626 -0.83 -11.68 -36.32
CA LEU A 626 0.32 -12.06 -35.50
C LEU A 626 1.09 -13.22 -36.09
N ALA A 627 0.44 -14.08 -36.88
CA ALA A 627 1.13 -15.21 -37.50
C ALA A 627 2.21 -14.77 -38.47
N GLU A 628 2.09 -13.56 -39.03
CA GLU A 628 3.14 -13.06 -39.92
C GLU A 628 4.42 -12.77 -39.15
N VAL A 629 4.31 -12.16 -37.97
CA VAL A 629 5.49 -11.80 -37.18
C VAL A 629 5.90 -12.89 -36.21
N SER A 630 5.19 -14.01 -36.16
CA SER A 630 5.47 -15.06 -35.21
C SER A 630 5.86 -16.35 -35.91
N GLN A 631 6.44 -17.25 -35.13
CA GLN A 631 6.73 -18.61 -35.57
C GLN A 631 5.54 -19.51 -35.26
N PRO A 632 5.54 -20.76 -35.75
CA PRO A 632 4.41 -21.65 -35.46
C PRO A 632 4.09 -21.72 -33.97
N LYS A 633 2.80 -21.89 -33.67
CA LYS A 633 2.31 -21.88 -32.29
C LYS A 633 3.07 -22.87 -31.43
N ARG A 634 3.59 -22.38 -30.30
CA ARG A 634 4.39 -23.19 -29.38
C ARG A 634 3.82 -23.05 -27.98
N ASP A 635 3.59 -24.18 -27.33
CA ASP A 635 3.01 -24.19 -25.99
C ASP A 635 4.12 -24.02 -24.96
N PHE A 636 4.09 -22.91 -24.23
CA PHE A 636 5.06 -22.63 -23.18
C PHE A 636 4.44 -22.92 -21.81
N SER A 637 5.27 -23.45 -20.91
CA SER A 637 4.80 -23.69 -19.56
C SER A 637 4.65 -22.38 -18.80
N GLU A 638 3.89 -22.43 -17.71
CA GLU A 638 3.73 -21.25 -16.87
C GLU A 638 5.08 -20.82 -16.29
N GLU A 639 5.98 -21.76 -16.06
CA GLU A 639 7.32 -21.41 -15.60
C GLU A 639 8.09 -20.67 -16.68
N GLU A 640 8.01 -21.15 -17.93
CA GLU A 640 8.67 -20.44 -19.02
C GLU A 640 8.08 -19.06 -19.22
N ILE A 641 6.75 -18.94 -19.14
CA ILE A 641 6.11 -17.64 -19.33
C ILE A 641 6.50 -16.68 -18.22
N ILE A 642 6.40 -17.13 -16.97
CA ILE A 642 6.74 -16.26 -15.84
C ILE A 642 8.21 -15.87 -15.87
N ALA A 643 9.08 -16.83 -16.16
CA ALA A 643 10.52 -16.54 -16.18
C ALA A 643 10.86 -15.59 -17.32
N ARG A 644 10.37 -15.87 -18.53
CA ARG A 644 10.70 -15.02 -19.67
C ARG A 644 10.06 -13.64 -19.58
N MET A 645 9.03 -13.47 -18.77
CA MET A 645 8.43 -12.16 -18.59
C MET A 645 9.08 -11.38 -17.45
N MET A 646 9.50 -12.08 -16.39
CA MET A 646 9.99 -11.40 -15.19
C MET A 646 11.50 -11.21 -15.18
N ILE A 647 12.27 -12.12 -15.77
CA ILE A 647 13.73 -12.00 -15.75
C ILE A 647 14.20 -10.69 -16.36
N PRO A 648 13.76 -10.27 -17.56
CA PRO A 648 14.23 -8.99 -18.09
C PRO A 648 13.88 -7.80 -17.22
N MET A 649 12.78 -7.87 -16.48
CA MET A 649 12.39 -6.75 -15.63
C MET A 649 13.29 -6.66 -14.40
N VAL A 650 13.39 -7.75 -13.64
CA VAL A 650 14.21 -7.73 -12.42
C VAL A 650 15.68 -7.55 -12.76
N ASN A 651 16.13 -8.10 -13.89
CA ASN A 651 17.48 -7.80 -14.35
C ASN A 651 17.67 -6.30 -14.58
N GLU A 652 16.59 -5.60 -14.93
CA GLU A 652 16.69 -4.16 -15.16
C GLU A 652 16.65 -3.39 -13.83
N VAL A 653 15.79 -3.79 -12.90
CA VAL A 653 15.71 -3.10 -11.62
C VAL A 653 17.00 -3.26 -10.84
N VAL A 654 17.73 -4.36 -11.08
CA VAL A 654 19.02 -4.53 -10.42
C VAL A 654 20.05 -3.58 -11.04
N ARG A 655 20.01 -3.39 -12.35
CA ARG A 655 20.93 -2.45 -12.99
C ARG A 655 20.66 -1.02 -12.53
N CYS A 656 19.38 -0.67 -12.36
CA CYS A 656 19.03 0.66 -11.85
C CYS A 656 19.54 0.87 -10.43
N LEU A 657 19.84 -0.21 -9.71
CA LEU A 657 20.42 -0.09 -8.38
C LEU A 657 21.93 0.12 -8.47
N GLU A 658 22.60 -0.65 -9.32
CA GLU A 658 24.05 -0.55 -9.43
C GLU A 658 24.46 0.74 -10.12
N GLU A 659 23.69 1.17 -11.13
CA GLU A 659 23.99 2.40 -11.84
C GLU A 659 23.64 3.65 -11.05
N GLY A 660 23.08 3.51 -9.85
CA GLY A 660 22.73 4.66 -9.04
C GLY A 660 21.43 5.33 -9.41
N ILE A 661 20.65 4.75 -10.33
CA ILE A 661 19.36 5.33 -10.69
C ILE A 661 18.42 5.33 -9.48
N ILE A 662 18.21 4.17 -8.89
CA ILE A 662 17.45 4.03 -7.66
C ILE A 662 18.43 3.86 -6.51
N ALA A 663 18.08 4.41 -5.35
CA ALA A 663 19.02 4.47 -4.23
C ALA A 663 19.21 3.11 -3.57
N THR A 664 18.14 2.52 -3.07
CA THR A 664 18.18 1.31 -2.28
C THR A 664 17.13 0.33 -2.75
N PRO A 665 17.26 -0.96 -2.40
CA PRO A 665 16.20 -1.93 -2.76
C PRO A 665 14.84 -1.56 -2.20
N ALA A 666 14.80 -0.88 -1.06
CA ALA A 666 13.52 -0.48 -0.47
C ALA A 666 12.80 0.51 -1.37
N GLU A 667 13.54 1.48 -1.91
CA GLU A 667 12.91 2.48 -2.79
C GLU A 667 12.46 1.85 -4.10
N ALA A 668 13.22 0.86 -4.61
CA ALA A 668 12.87 0.25 -5.88
C ALA A 668 11.59 -0.56 -5.77
N ASP A 669 11.44 -1.34 -4.69
CA ASP A 669 10.25 -2.16 -4.53
C ASP A 669 9.01 -1.31 -4.31
N MET A 670 9.14 -0.22 -3.55
CA MET A 670 8.00 0.68 -3.37
C MET A 670 7.64 1.38 -4.68
N ALA A 671 8.62 1.58 -5.57
CA ALA A 671 8.32 2.16 -6.87
C ALA A 671 7.55 1.19 -7.75
N LEU A 672 7.88 -0.10 -7.66
CA LEU A 672 7.16 -1.10 -8.44
C LEU A 672 5.77 -1.35 -7.87
N VAL A 673 5.66 -1.44 -6.54
CA VAL A 673 4.38 -1.72 -5.92
C VAL A 673 3.40 -0.57 -6.14
N TYR A 674 3.87 0.67 -5.99
CA TYR A 674 3.00 1.84 -6.12
C TYR A 674 3.02 2.45 -7.50
N GLY A 675 3.86 1.98 -8.41
CA GLY A 675 3.93 2.55 -9.74
C GLY A 675 3.37 1.64 -10.82
N LEU A 676 3.73 0.36 -10.77
CA LEU A 676 3.27 -0.62 -11.75
C LEU A 676 2.24 -1.58 -11.18
N GLY A 677 1.82 -1.39 -9.93
CA GLY A 677 0.94 -2.35 -9.30
C GLY A 677 1.58 -3.69 -9.08
N PHE A 678 2.88 -3.71 -8.74
CA PHE A 678 3.57 -4.96 -8.47
C PHE A 678 2.84 -5.71 -7.36
N PRO A 679 2.59 -7.01 -7.51
CA PRO A 679 1.80 -7.74 -6.53
C PRO A 679 2.37 -7.59 -5.13
N PRO A 680 1.61 -7.01 -4.21
CA PRO A 680 2.14 -6.79 -2.85
C PRO A 680 2.52 -8.06 -2.11
N PHE A 681 1.84 -9.17 -2.38
CA PHE A 681 2.22 -10.43 -1.74
C PHE A 681 3.59 -10.91 -2.22
N HIS A 682 4.07 -10.41 -3.36
CA HIS A 682 5.46 -10.61 -3.74
C HIS A 682 6.39 -9.57 -3.13
N GLY A 683 5.83 -8.44 -2.67
CA GLY A 683 6.60 -7.40 -2.02
C GLY A 683 7.40 -6.49 -2.93
N GLY A 684 7.74 -6.95 -4.14
CA GLY A 684 8.59 -6.19 -5.03
C GLY A 684 9.61 -7.08 -5.71
N ALA A 685 10.37 -6.52 -6.65
CA ALA A 685 11.35 -7.31 -7.37
C ALA A 685 12.46 -7.80 -6.45
N PHE A 686 13.00 -6.91 -5.61
CA PHE A 686 14.07 -7.32 -4.70
C PHE A 686 13.56 -8.26 -3.62
N ARG A 687 12.34 -8.05 -3.13
CA ARG A 687 11.73 -9.00 -2.21
C ARG A 687 11.54 -10.36 -2.87
N TRP A 688 10.99 -10.34 -4.10
CA TRP A 688 10.89 -11.57 -4.88
C TRP A 688 12.26 -12.16 -5.17
N LEU A 689 13.26 -11.30 -5.35
CA LEU A 689 14.61 -11.79 -5.61
C LEU A 689 15.25 -12.38 -4.36
N ASP A 690 14.83 -11.93 -3.18
CA ASP A 690 15.29 -12.51 -1.92
C ASP A 690 14.44 -13.70 -1.49
N THR A 691 13.12 -13.64 -1.74
CA THR A 691 12.27 -14.79 -1.47
C THR A 691 12.70 -16.00 -2.29
N LEU A 692 12.86 -15.81 -3.59
CA LEU A 692 13.56 -16.79 -4.41
C LEU A 692 15.05 -16.81 -4.04
N GLY A 693 15.69 -17.94 -4.29
CA GLY A 693 17.11 -18.05 -4.04
C GLY A 693 17.91 -17.07 -4.90
N SER A 694 18.73 -16.24 -4.26
CA SER A 694 19.56 -15.30 -5.00
C SER A 694 20.49 -16.04 -5.95
N ALA A 695 21.05 -17.16 -5.51
CA ALA A 695 21.82 -18.02 -6.41
C ALA A 695 20.89 -18.84 -7.30
N LYS A 696 19.71 -19.20 -6.81
CA LYS A 696 18.73 -19.89 -7.64
C LYS A 696 18.29 -19.04 -8.82
N TYR A 697 18.27 -17.71 -8.66
CA TYR A 697 17.86 -16.84 -9.75
C TYR A 697 18.84 -16.92 -10.91
N LEU A 698 20.13 -17.00 -10.62
CA LEU A 698 21.12 -17.10 -11.69
C LEU A 698 21.02 -18.44 -12.40
N ASP A 699 20.81 -19.53 -11.66
CA ASP A 699 20.62 -20.82 -12.30
C ASP A 699 19.30 -20.89 -13.07
N MET A 700 18.28 -20.18 -12.60
CA MET A 700 17.05 -20.07 -13.38
C MET A 700 17.28 -19.25 -14.65
N ALA A 701 18.00 -18.14 -14.54
CA ALA A 701 18.23 -17.25 -15.67
C ALA A 701 19.25 -17.79 -16.67
N GLN A 702 20.12 -18.72 -16.25
CA GLN A 702 21.10 -19.26 -17.17
C GLN A 702 20.44 -20.07 -18.28
N GLN A 703 19.26 -20.62 -18.01
CA GLN A 703 18.55 -21.38 -19.04
C GLN A 703 18.06 -20.48 -20.16
N TYR A 704 17.70 -19.24 -19.85
CA TYR A 704 17.19 -18.30 -20.84
C TYR A 704 18.20 -17.23 -21.23
N GLN A 705 19.48 -17.43 -20.88
CA GLN A 705 20.50 -16.42 -21.12
C GLN A 705 20.77 -16.21 -22.60
N HIS A 706 20.41 -17.17 -23.45
CA HIS A 706 20.70 -17.11 -24.88
C HIS A 706 19.66 -16.35 -25.69
N LEU A 707 18.51 -16.03 -25.09
CA LEU A 707 17.46 -15.34 -25.83
C LEU A 707 17.89 -13.93 -26.22
N GLY A 708 18.41 -13.18 -25.26
CA GLY A 708 18.88 -11.83 -25.51
C GLY A 708 19.73 -11.30 -24.38
N PRO A 709 20.38 -10.16 -24.60
CA PRO A 709 21.21 -9.56 -23.53
C PRO A 709 20.41 -9.12 -22.32
N LEU A 710 19.08 -8.99 -22.45
CA LEU A 710 18.26 -8.61 -21.30
C LEU A 710 18.23 -9.71 -20.25
N TYR A 711 18.26 -10.98 -20.67
CA TYR A 711 18.26 -12.11 -19.76
C TYR A 711 19.64 -12.37 -19.14
N GLU A 712 20.66 -11.63 -19.57
CA GLU A 712 21.99 -11.76 -18.98
C GLU A 712 22.03 -11.03 -17.65
N VAL A 713 22.25 -11.76 -16.58
CA VAL A 713 22.24 -11.18 -15.24
C VAL A 713 23.43 -10.22 -15.09
N PRO A 714 23.23 -9.01 -14.58
CA PRO A 714 24.36 -8.08 -14.43
C PRO A 714 25.42 -8.64 -13.49
N GLU A 715 26.65 -8.14 -13.67
CA GLU A 715 27.79 -8.67 -12.93
C GLU A 715 27.64 -8.46 -11.42
N GLY A 716 26.92 -7.41 -11.01
CA GLY A 716 26.71 -7.20 -9.59
C GLY A 716 25.90 -8.31 -8.95
N LEU A 717 24.80 -8.70 -9.59
CA LEU A 717 24.04 -9.85 -9.10
C LEU A 717 24.82 -11.15 -9.31
N ARG A 718 25.61 -11.23 -10.37
CA ARG A 718 26.42 -12.42 -10.61
C ARG A 718 27.45 -12.61 -9.51
N ASN A 719 27.92 -11.52 -8.90
CA ASN A 719 28.82 -11.63 -7.76
C ASN A 719 28.06 -12.07 -6.50
N LYS A 720 26.86 -11.51 -6.28
CA LYS A 720 26.10 -11.88 -5.09
C LYS A 720 25.57 -13.30 -5.18
N ALA A 721 25.30 -13.78 -6.39
CA ALA A 721 24.84 -15.16 -6.56
C ALA A 721 25.92 -16.17 -6.21
N ARG A 722 27.18 -15.74 -6.12
CA ARG A 722 28.26 -16.66 -5.76
C ARG A 722 28.11 -17.17 -4.33
N HIS A 723 27.58 -16.33 -3.44
CA HIS A 723 27.34 -16.71 -2.04
C HIS A 723 25.88 -16.62 -1.66
N ASN A 724 24.96 -16.51 -2.62
CA ASN A 724 23.52 -16.38 -2.37
C ASN A 724 23.24 -15.19 -1.45
N GLU A 725 23.88 -14.07 -1.73
CA GLU A 725 23.75 -12.88 -0.89
C GLU A 725 22.45 -12.16 -1.21
N PRO A 726 21.64 -11.84 -0.21
CA PRO A 726 20.38 -11.14 -0.45
C PRO A 726 20.62 -9.63 -0.59
N TYR A 727 19.52 -8.91 -0.84
CA TYR A 727 19.56 -7.46 -0.93
C TYR A 727 18.99 -6.75 0.29
N TYR A 728 18.23 -7.45 1.12
CA TYR A 728 17.72 -6.88 2.36
C TYR A 728 18.54 -7.42 3.52
N PRO A 729 19.37 -6.60 4.17
CA PRO A 729 20.11 -7.09 5.34
C PRO A 729 19.17 -7.37 6.49
N PRO A 730 19.41 -8.41 7.28
CA PRO A 730 18.61 -8.64 8.50
C PRO A 730 18.88 -7.53 9.51
N VAL A 731 17.84 -6.75 9.81
CA VAL A 731 17.98 -5.55 10.62
C VAL A 731 17.47 -5.82 12.02
N GLU A 732 17.93 -5.01 12.97
CA GLU A 732 17.35 -4.95 14.31
C GLU A 732 16.10 -4.07 14.27
N PRO A 733 15.29 -4.08 15.34
CA PRO A 733 14.18 -3.12 15.41
C PRO A 733 14.66 -1.67 15.52
#